data_7WSE
#
_entry.id   7WSE
#
_cell.length_a   1.00
_cell.length_b   1.00
_cell.length_c   1.00
_cell.angle_alpha   90.00
_cell.angle_beta   90.00
_cell.angle_gamma   90.00
#
_symmetry.space_group_name_H-M   'P 1'
#
loop_
_entity.id
_entity.type
_entity.pdbx_description
1 polymer 'Angiotensin-converting enzyme'
2 polymer 'Spike protein S1'
3 non-polymer 'ZINC ION'
#
loop_
_entity_poly.entity_id
_entity_poly.type
_entity_poly.pdbx_seq_one_letter_code
_entity_poly.pdbx_strand_id
1 'polypeptide(L)'
;MSGSFWLLLSLVAVTAAQSTTEEQAKTFLQKFDHEAEDLSYRSSLASWNYNTNITDENVQKMNAARAKWSAFYEEQSRIA
KTYPLEEIQNLTLKRQLQALQQSGTSVLSADKSKRLNTILNTMSTIYSSGKVLDPNTQEYLVLEPGLDDIMENSEDYNRR
LWAWEGWRAEVGKQLRPFYEEYVVLENEMARANNYEDYGDYWRGDYEVTGADGYDYSRNQLIADVERTFAEIKPLYEQLH
AYVRAKLMDAYPSRISPTGCLPAHLLGDMWGRFWTNLYPLTVPFGEKPSIDVTKEMQNQSWDAKRIFKEAEKFFVSIGLP
NMTQEFWVNSMLTEPGDGRKVVCHPTAWDLGKGDFRIKMCTKVTMDDFLTAHHEMGHIQYDMAYATQPFLLRNGANEGFH
EAVGEIMSLSAATPHYLKALGLLPPDFYEDNVTEINFLLKQALQIVGTLPFTYMLEKWRWMVFKGEIPKEQWMQKWWEMK
REIVGVVEPLPHDETYCDPACLFHVAEDYSFIRYYTRTIYQFQFHEALCQTAKHEGPLYKCDISNSTEAGQRLLQMLHLG
KSEPWTLALENIVGVKTMDVKPLLNYFEPLLTWLKEQNRNSPVGWSTDWTPYSDQSIKVRISLKSALGEKAYEWNDNEMY
LFQSSVAYAMREYFSKVRNETIPFGEKDVWVSDLKPRISFNFFVTTPKNVSDIIPRTEVEEAIRMSRGRINDAFRLDDNS
LEFLGIQPTLGPPYEPPVT
;
A
2 'polypeptide(L)'
;TNLCPFGEVFNATRFASVYAWNRKRISNCVADYSVLYNSASFSTFKCYGVSPTKLNDLCFTNVYADSFVIRGDEVRQIAP
GQTGKIADYNYKLPDDFTGCVIAWNSNNLDSKVGGNYNYLYRLFRKSNLKPFERDISTEIYQAGSTPCNGVEGFNCYFPL
QSYGFQPTNGVGYQPYRVVVLSFELLHAPATVCGP
;
B
#
# COMPACT_ATOMS: atom_id res chain seq x y z
N SER A 19 -6.77 0.64 36.98
CA SER A 19 -7.41 -0.30 36.08
C SER A 19 -6.40 -1.31 35.55
N THR A 20 -6.89 -2.34 34.87
CA THR A 20 -6.02 -3.35 34.29
C THR A 20 -5.22 -2.78 33.12
N THR A 21 -4.16 -3.49 32.76
CA THR A 21 -3.31 -3.04 31.66
C THR A 21 -4.08 -2.98 30.34
N GLU A 22 -5.07 -3.86 30.17
CA GLU A 22 -5.88 -3.84 28.95
C GLU A 22 -6.64 -2.53 28.83
N GLU A 23 -7.24 -2.06 29.93
CA GLU A 23 -7.96 -0.79 29.90
C GLU A 23 -7.01 0.40 29.84
N GLN A 24 -5.81 0.27 30.42
CA GLN A 24 -4.84 1.36 30.38
C GLN A 24 -4.10 1.43 29.06
N ALA A 25 -4.17 0.38 28.24
CA ALA A 25 -3.57 0.39 26.91
C ALA A 25 -4.58 0.66 25.81
N LYS A 26 -5.83 0.22 25.99
CA LYS A 26 -6.88 0.56 25.04
C LYS A 26 -7.13 2.06 25.03
N THR A 27 -7.13 2.69 26.20
CA THR A 27 -7.22 4.15 26.28
C THR A 27 -6.01 4.81 25.63
N PHE A 28 -4.81 4.25 25.85
CA PHE A 28 -3.61 4.82 25.27
C PHE A 28 -3.63 4.74 23.75
N LEU A 29 -4.09 3.60 23.21
CA LEU A 29 -4.15 3.46 21.75
C LEU A 29 -5.16 4.42 21.13
N GLN A 30 -6.28 4.67 21.81
CA GLN A 30 -7.22 5.67 21.32
C GLN A 30 -6.59 7.06 21.30
N LYS A 31 -5.78 7.37 22.32
CA LYS A 31 -5.04 8.64 22.32
C LYS A 31 -4.06 8.69 21.16
N PHE A 32 -3.36 7.59 20.90
CA PHE A 32 -2.39 7.56 19.80
C PHE A 32 -3.08 7.74 18.45
N ASP A 33 -4.22 7.09 18.25
CA ASP A 33 -4.85 7.08 16.94
C ASP A 33 -5.26 8.49 16.49
N HIS A 34 -5.80 9.28 17.41
CA HIS A 34 -6.26 10.61 17.05
C HIS A 34 -5.12 11.49 16.54
N GLU A 35 -3.99 11.48 17.24
CA GLU A 35 -2.86 12.30 16.80
C GLU A 35 -2.16 11.69 15.60
N ALA A 36 -2.05 10.35 15.56
CA ALA A 36 -1.34 9.71 14.46
C ALA A 36 -2.10 9.84 13.15
N GLU A 37 -3.43 9.75 13.19
CA GLU A 37 -4.22 9.84 11.97
C GLU A 37 -4.19 11.22 11.33
N ASP A 38 -3.69 12.24 12.03
CA ASP A 38 -3.60 13.57 11.47
C ASP A 38 -2.18 14.12 11.45
N LEU A 39 -1.21 13.38 12.00
CA LEU A 39 0.20 13.74 11.85
C LEU A 39 0.86 13.04 10.68
N SER A 40 0.53 11.77 10.46
CA SER A 40 1.01 11.08 9.26
C SER A 40 0.37 11.63 8.00
N TYR A 41 -0.90 12.04 8.09
CA TYR A 41 -1.58 12.58 6.92
C TYR A 41 -0.96 13.89 6.44
N ARG A 42 -0.57 14.76 7.38
CA ARG A 42 0.08 16.01 6.99
C ARG A 42 1.41 15.75 6.32
N SER A 43 2.16 14.76 6.79
CA SER A 43 3.37 14.36 6.09
C SER A 43 3.06 13.72 4.74
N SER A 44 1.94 13.00 4.66
CA SER A 44 1.55 12.39 3.39
C SER A 44 1.03 13.44 2.40
N LEU A 45 0.52 14.56 2.90
CA LEU A 45 0.11 15.66 2.05
C LEU A 45 1.26 16.60 1.72
N ALA A 46 2.46 16.34 2.24
CA ALA A 46 3.66 17.07 1.88
C ALA A 46 4.53 16.30 0.91
N SER A 47 4.63 14.97 1.08
CA SER A 47 5.30 14.14 0.09
C SER A 47 4.55 14.15 -1.24
N TRP A 48 3.22 14.13 -1.19
CA TRP A 48 2.43 14.19 -2.42
C TRP A 48 2.65 15.51 -3.15
N ASN A 49 2.62 16.62 -2.42
CA ASN A 49 2.81 17.92 -3.05
C ASN A 49 4.19 18.04 -3.69
N TYR A 50 5.21 17.53 -3.01
CA TYR A 50 6.56 17.54 -3.60
C TYR A 50 6.62 16.66 -4.84
N ASN A 51 6.03 15.46 -4.78
CA ASN A 51 6.07 14.55 -5.90
C ASN A 51 5.17 14.99 -7.05
N THR A 52 4.23 15.91 -6.82
CA THR A 52 3.41 16.45 -7.89
C THR A 52 3.83 17.85 -8.30
N ASN A 53 4.68 18.52 -7.52
CA ASN A 53 5.24 19.81 -7.90
C ASN A 53 6.55 19.97 -7.14
N ILE A 54 7.66 19.70 -7.82
CA ILE A 54 8.99 19.80 -7.20
C ILE A 54 9.41 21.26 -7.18
N THR A 55 9.73 21.77 -6.00
CA THR A 55 10.20 23.14 -5.84
C THR A 55 11.14 23.18 -4.63
N ASP A 56 11.72 24.35 -4.40
CA ASP A 56 12.65 24.49 -3.28
C ASP A 56 11.92 24.59 -1.94
N GLU A 57 10.73 25.18 -1.93
CA GLU A 57 9.96 25.27 -0.69
C GLU A 57 9.32 23.93 -0.35
N ASN A 58 8.90 23.17 -1.35
CA ASN A 58 8.16 21.93 -1.10
C ASN A 58 9.02 20.90 -0.38
N VAL A 59 10.29 20.77 -0.77
CA VAL A 59 11.16 19.80 -0.11
C VAL A 59 11.39 20.20 1.35
N GLN A 60 11.46 21.51 1.62
CA GLN A 60 11.59 21.96 3.00
C GLN A 60 10.34 21.61 3.81
N LYS A 61 9.16 21.80 3.23
CA LYS A 61 7.93 21.44 3.92
C LYS A 61 7.83 19.93 4.11
N MET A 62 8.25 19.16 3.11
CA MET A 62 8.17 17.71 3.20
C MET A 62 9.03 17.16 4.33
N ASN A 63 10.25 17.68 4.47
CA ASN A 63 11.12 17.25 5.56
C ASN A 63 10.60 17.72 6.91
N ALA A 64 10.08 18.94 6.97
CA ALA A 64 9.56 19.46 8.23
C ALA A 64 8.35 18.67 8.71
N ALA A 65 7.43 18.34 7.80
CA ALA A 65 6.22 17.62 8.19
C ALA A 65 6.55 16.20 8.63
N ARG A 66 7.39 15.50 7.88
CA ARG A 66 7.75 14.12 8.22
C ARG A 66 8.57 14.06 9.50
N ALA A 67 9.32 15.11 9.81
CA ALA A 67 10.11 15.12 11.04
C ALA A 67 9.20 15.08 12.27
N LYS A 68 8.09 15.82 12.22
CA LYS A 68 7.15 15.80 13.34
C LYS A 68 6.54 14.41 13.51
N TRP A 69 6.13 13.78 12.41
CA TRP A 69 5.57 12.43 12.49
C TRP A 69 6.62 11.42 12.93
N SER A 70 7.85 11.54 12.42
CA SER A 70 8.90 10.61 12.83
C SER A 70 9.21 10.76 14.32
N ALA A 71 9.29 11.99 14.82
CA ALA A 71 9.52 12.21 16.23
C ALA A 71 8.34 11.72 17.07
N PHE A 72 7.12 11.97 16.60
CA PHE A 72 5.93 11.55 17.34
C PHE A 72 5.86 10.02 17.42
N TYR A 73 6.15 9.33 16.33
CA TYR A 73 6.02 7.88 16.31
C TYR A 73 6.98 7.22 17.31
N GLU A 74 8.22 7.69 17.35
CA GLU A 74 9.21 7.06 18.23
C GLU A 74 8.91 7.34 19.70
N GLU A 75 8.53 8.59 20.02
CA GLU A 75 8.24 8.92 21.42
C GLU A 75 7.00 8.21 21.92
N GLN A 76 6.04 7.92 21.03
CA GLN A 76 4.88 7.14 21.42
C GLN A 76 5.24 5.66 21.57
N SER A 77 6.22 5.18 20.80
CA SER A 77 6.66 3.80 20.94
C SER A 77 7.30 3.55 22.30
N ARG A 78 8.05 4.54 22.80
CA ARG A 78 8.67 4.41 24.13
C ARG A 78 7.61 4.30 25.21
N ILE A 79 6.54 5.09 25.10
CA ILE A 79 5.45 5.01 26.08
C ILE A 79 4.74 3.66 25.98
N ALA A 80 4.62 3.13 24.76
CA ALA A 80 3.95 1.85 24.57
C ALA A 80 4.70 0.70 25.22
N LYS A 81 6.04 0.78 25.25
CA LYS A 81 6.82 -0.30 25.86
C LYS A 81 6.64 -0.36 27.36
N THR A 82 6.07 0.68 27.98
CA THR A 82 5.82 0.63 29.42
C THR A 82 4.67 -0.32 29.76
N TYR A 83 3.85 -0.68 28.78
CA TYR A 83 2.75 -1.61 29.01
C TYR A 83 3.20 -3.03 28.75
N PRO A 84 3.12 -3.93 29.73
CA PRO A 84 3.51 -5.33 29.51
C PRO A 84 2.61 -5.98 28.45
N LEU A 85 3.23 -6.51 27.40
CA LEU A 85 2.46 -7.11 26.32
C LEU A 85 1.70 -8.35 26.79
N GLU A 86 2.31 -9.16 27.66
CA GLU A 86 1.70 -10.40 28.11
C GLU A 86 0.46 -10.18 28.96
N GLU A 87 0.22 -8.97 29.44
CA GLU A 87 -0.95 -8.67 30.27
C GLU A 87 -2.17 -8.29 29.44
N ILE A 88 -2.10 -8.38 28.12
CA ILE A 88 -3.21 -8.05 27.24
C ILE A 88 -3.83 -9.34 26.76
N GLN A 89 -5.14 -9.52 27.03
CA GLN A 89 -5.86 -10.73 26.66
C GLN A 89 -6.78 -10.52 25.46
N ASN A 90 -6.65 -9.40 24.75
CA ASN A 90 -7.46 -9.10 23.57
C ASN A 90 -6.59 -9.27 22.33
N LEU A 91 -7.02 -10.14 21.42
CA LEU A 91 -6.23 -10.40 20.22
C LEU A 91 -6.11 -9.15 19.36
N THR A 92 -7.20 -8.42 19.15
CA THR A 92 -7.18 -7.23 18.32
C THR A 92 -6.42 -6.08 18.97
N LEU A 93 -6.13 -6.16 20.27
CA LEU A 93 -5.39 -5.11 20.96
C LEU A 93 -3.90 -5.40 21.01
N LYS A 94 -3.51 -6.68 21.09
CA LYS A 94 -2.09 -7.03 21.11
C LYS A 94 -1.40 -6.65 19.81
N ARG A 95 -2.05 -6.91 18.67
CA ARG A 95 -1.42 -6.65 17.38
C ARG A 95 -1.13 -5.16 17.19
N GLN A 96 -1.91 -4.30 17.81
CA GLN A 96 -1.63 -2.86 17.74
C GLN A 96 -0.45 -2.49 18.63
N LEU A 97 -0.38 -3.07 19.83
CA LEU A 97 0.78 -2.83 20.70
C LEU A 97 2.05 -3.39 20.09
N GLN A 98 1.97 -4.57 19.46
CA GLN A 98 3.14 -5.14 18.82
C GLN A 98 3.69 -4.23 17.74
N ALA A 99 2.80 -3.71 16.88
CA ALA A 99 3.25 -2.78 15.83
C ALA A 99 3.80 -1.50 16.45
N LEU A 100 3.18 -1.01 17.51
CA LEU A 100 3.62 0.24 18.13
C LEU A 100 4.91 0.06 18.92
N GLN A 101 5.03 -1.03 19.68
CA GLN A 101 6.21 -1.23 20.52
C GLN A 101 7.45 -1.55 19.69
N GLN A 102 7.29 -2.39 18.66
CA GLN A 102 8.43 -2.88 17.87
C GLN A 102 8.91 -1.75 16.96
N SER A 103 9.75 -0.88 17.53
CA SER A 103 10.37 0.21 16.79
C SER A 103 11.78 -0.18 16.35
N GLY A 104 12.39 0.68 15.55
CA GLY A 104 13.72 0.45 15.05
C GLY A 104 14.55 1.71 15.07
N THR A 105 15.86 1.51 15.20
CA THR A 105 16.90 2.55 15.24
C THR A 105 16.80 3.45 16.45
N SER A 106 15.83 3.24 17.34
CA SER A 106 15.71 4.01 18.56
C SER A 106 16.38 3.34 19.75
N VAL A 107 17.01 2.19 19.54
CA VAL A 107 17.67 1.45 20.61
C VAL A 107 19.18 1.62 20.58
N LEU A 108 19.69 2.43 19.66
CA LEU A 108 21.12 2.70 19.55
C LEU A 108 21.46 4.02 20.24
N SER A 109 22.77 4.22 20.46
CA SER A 109 23.24 5.46 21.03
C SER A 109 22.99 6.62 20.07
N ALA A 110 22.86 7.82 20.63
CA ALA A 110 22.60 9.00 19.80
C ALA A 110 23.74 9.25 18.82
N ASP A 111 24.97 8.92 19.20
CA ASP A 111 26.10 9.03 18.28
C ASP A 111 25.99 8.03 17.15
N LYS A 112 25.72 6.76 17.48
CA LYS A 112 25.63 5.73 16.45
C LYS A 112 24.39 5.93 15.59
N SER A 113 23.27 6.35 16.19
CA SER A 113 22.07 6.61 15.40
C SER A 113 22.30 7.72 14.39
N LYS A 114 23.03 8.77 14.78
CA LYS A 114 23.41 9.80 13.84
C LYS A 114 24.33 9.25 12.77
N ARG A 115 25.27 8.39 13.16
CA ARG A 115 26.21 7.80 12.19
C ARG A 115 25.47 6.92 11.19
N LEU A 116 24.50 6.15 11.65
CA LEU A 116 23.77 5.25 10.75
C LEU A 116 23.05 6.03 9.66
N ASN A 117 22.39 7.13 10.01
CA ASN A 117 21.70 7.94 9.00
C ASN A 117 22.68 8.62 8.07
N THR A 118 23.87 8.97 8.56
CA THR A 118 24.90 9.52 7.68
C THR A 118 25.32 8.50 6.63
N ILE A 119 25.51 7.25 7.04
CA ILE A 119 25.85 6.20 6.09
C ILE A 119 24.66 5.88 5.19
N LEU A 120 23.46 5.82 5.76
CA LEU A 120 22.28 5.46 4.99
C LEU A 120 21.88 6.55 3.99
N ASN A 121 22.37 7.77 4.14
CA ASN A 121 22.10 8.84 3.20
C ASN A 121 23.17 9.00 2.13
N THR A 122 24.43 8.70 2.47
CA THR A 122 25.47 8.69 1.44
C THR A 122 25.24 7.59 0.42
N MET A 123 24.80 6.41 0.88
CA MET A 123 24.52 5.32 -0.05
C MET A 123 23.40 5.67 -1.01
N SER A 124 22.33 6.31 -0.51
CA SER A 124 21.25 6.74 -1.37
C SER A 124 21.62 7.93 -2.24
N THR A 125 22.77 8.55 -1.99
CA THR A 125 23.25 9.65 -2.82
C THR A 125 24.20 9.15 -3.90
N ILE A 126 25.13 8.25 -3.54
CA ILE A 126 26.07 7.70 -4.51
C ILE A 126 25.34 6.96 -5.62
N TYR A 127 24.27 6.24 -5.25
CA TYR A 127 23.52 5.49 -6.26
C TYR A 127 22.88 6.41 -7.29
N SER A 128 22.21 7.47 -6.83
CA SER A 128 21.54 8.38 -7.74
C SER A 128 22.55 9.17 -8.58
N SER A 129 23.67 9.58 -7.97
CA SER A 129 24.65 10.41 -8.65
C SER A 129 25.60 9.61 -9.54
N GLY A 130 25.50 8.28 -9.54
CA GLY A 130 26.42 7.49 -10.33
C GLY A 130 26.31 7.79 -11.82
N LYS A 131 27.46 7.86 -12.48
CA LYS A 131 27.53 8.09 -13.92
C LYS A 131 28.87 7.58 -14.42
N VAL A 132 28.90 7.21 -15.71
CA VAL A 132 30.04 6.54 -16.31
C VAL A 132 30.46 7.26 -17.57
N LEU A 133 31.67 6.92 -18.04
CA LEU A 133 32.23 7.53 -19.24
C LEU A 133 31.83 6.75 -20.48
N ASP A 134 31.36 7.45 -21.49
CA ASP A 134 30.93 7.09 -22.83
C ASP A 134 32.07 7.34 -23.83
N PRO A 135 32.09 6.64 -24.96
CA PRO A 135 33.04 7.00 -26.02
C PRO A 135 32.90 8.43 -26.48
N ASN A 136 31.69 8.98 -26.43
CA ASN A 136 31.49 10.42 -26.47
C ASN A 136 31.66 10.89 -25.03
N THR A 137 32.89 11.31 -24.70
CA THR A 137 33.30 11.41 -23.30
C THR A 137 32.40 12.36 -22.51
N GLN A 138 32.09 13.52 -23.08
CA GLN A 138 31.31 14.53 -22.37
C GLN A 138 29.82 14.21 -22.43
N GLU A 139 29.46 13.09 -21.83
CA GLU A 139 28.05 12.72 -21.74
C GLU A 139 27.59 12.44 -20.32
N TYR A 140 28.40 11.75 -19.52
CA TYR A 140 28.08 11.43 -18.12
C TYR A 140 26.69 10.82 -17.98
N LEU A 141 26.53 9.65 -18.61
CA LEU A 141 25.23 8.99 -18.64
C LEU A 141 24.79 8.57 -17.24
N VAL A 142 23.61 9.02 -16.84
CA VAL A 142 22.99 8.61 -15.58
C VAL A 142 22.20 7.33 -15.82
N LEU A 143 21.78 6.67 -14.73
CA LEU A 143 21.10 5.39 -14.85
C LEU A 143 19.80 5.51 -15.64
N GLU A 144 18.99 6.52 -15.32
CA GLU A 144 17.69 6.66 -15.99
C GLU A 144 17.27 8.12 -16.08
N PRO A 145 17.05 8.66 -17.29
CA PRO A 145 17.28 7.99 -18.58
C PRO A 145 18.76 7.92 -18.92
N GLY A 146 19.18 6.89 -19.64
CA GLY A 146 20.60 6.66 -19.81
C GLY A 146 20.95 5.20 -20.02
N LEU A 147 21.81 4.66 -19.14
CA LEU A 147 22.27 3.29 -19.27
C LEU A 147 21.14 2.28 -19.30
N ASP A 148 19.96 2.62 -18.75
CA ASP A 148 18.81 1.73 -18.86
C ASP A 148 18.44 1.50 -20.32
N ASP A 149 18.44 2.56 -21.13
CA ASP A 149 18.16 2.42 -22.55
C ASP A 149 19.20 1.54 -23.22
N ILE A 150 20.47 1.71 -22.84
CA ILE A 150 21.53 0.85 -23.38
C ILE A 150 21.30 -0.59 -22.97
N MET A 151 20.95 -0.83 -21.71
CA MET A 151 20.80 -2.18 -21.21
C MET A 151 19.54 -2.86 -21.74
N GLU A 152 18.43 -2.12 -21.82
CA GLU A 152 17.14 -2.71 -22.14
C GLU A 152 16.81 -2.71 -23.63
N ASN A 153 17.65 -2.11 -24.47
CA ASN A 153 17.32 -2.01 -25.89
C ASN A 153 18.45 -2.49 -26.80
N SER A 154 19.69 -2.40 -26.34
CA SER A 154 20.81 -2.73 -27.21
C SER A 154 21.11 -4.22 -27.17
N GLU A 155 21.77 -4.70 -28.22
CA GLU A 155 22.19 -6.09 -28.34
C GLU A 155 23.66 -6.19 -28.72
N ASP A 156 24.46 -5.19 -28.36
CA ASP A 156 25.89 -5.17 -28.67
C ASP A 156 26.66 -5.70 -27.47
N TYR A 157 27.45 -6.74 -27.69
CA TYR A 157 28.19 -7.38 -26.60
C TYR A 157 29.17 -6.40 -25.96
N ASN A 158 29.90 -5.63 -26.78
CA ASN A 158 30.91 -4.73 -26.25
C ASN A 158 30.30 -3.58 -25.47
N ARG A 159 29.23 -2.98 -26.00
CA ARG A 159 28.66 -1.80 -25.35
C ARG A 159 27.97 -2.16 -24.05
N ARG A 160 27.28 -3.31 -24.00
CA ARG A 160 26.63 -3.73 -22.77
C ARG A 160 27.65 -4.03 -21.67
N LEU A 161 28.78 -4.63 -22.03
CA LEU A 161 29.81 -4.92 -21.04
C LEU A 161 30.36 -3.65 -20.42
N TRP A 162 30.55 -2.60 -21.23
CA TRP A 162 31.00 -1.33 -20.69
C TRP A 162 29.96 -0.74 -19.73
N ALA A 163 28.68 -0.82 -20.09
CA ALA A 163 27.63 -0.31 -19.21
C ALA A 163 27.53 -1.13 -17.94
N TRP A 164 27.73 -2.44 -18.03
CA TRP A 164 27.63 -3.30 -16.86
C TRP A 164 28.81 -3.08 -15.92
N GLU A 165 30.03 -3.26 -16.42
CA GLU A 165 31.21 -3.08 -15.59
C GLU A 165 31.38 -1.62 -15.15
N GLY A 166 31.05 -0.69 -16.04
CA GLY A 166 31.22 0.73 -15.72
C GLY A 166 30.39 1.16 -14.53
N TRP A 167 29.11 0.76 -14.50
CA TRP A 167 28.25 1.14 -13.38
C TRP A 167 28.74 0.52 -12.09
N ARG A 168 29.15 -0.75 -12.12
CA ARG A 168 29.67 -1.40 -10.92
C ARG A 168 31.04 -0.88 -10.53
N ALA A 169 31.81 -0.32 -11.47
CA ALA A 169 33.09 0.27 -11.12
C ALA A 169 32.91 1.56 -10.33
N GLU A 170 31.93 2.38 -10.71
CA GLU A 170 31.72 3.66 -10.03
C GLU A 170 30.91 3.48 -8.75
N VAL A 171 29.68 2.99 -8.86
CA VAL A 171 28.81 2.88 -7.71
C VAL A 171 29.28 1.78 -6.77
N GLY A 172 29.68 0.63 -7.33
CA GLY A 172 30.03 -0.51 -6.49
C GLY A 172 31.23 -0.26 -5.60
N LYS A 173 32.30 0.29 -6.19
CA LYS A 173 33.51 0.53 -5.42
C LYS A 173 33.28 1.55 -4.31
N GLN A 174 32.52 2.61 -4.59
CA GLN A 174 32.31 3.65 -3.60
C GLN A 174 31.41 3.18 -2.46
N LEU A 175 30.41 2.35 -2.76
CA LEU A 175 29.49 1.88 -1.72
C LEU A 175 30.10 0.81 -0.83
N ARG A 176 31.17 0.14 -1.26
CA ARG A 176 31.74 -0.93 -0.47
C ARG A 176 32.21 -0.48 0.91
N PRO A 177 33.00 0.59 1.07
CA PRO A 177 33.36 1.02 2.43
C PRO A 177 32.16 1.42 3.27
N PHE A 178 31.14 2.01 2.66
CA PHE A 178 29.95 2.40 3.42
C PHE A 178 29.09 1.21 3.77
N TYR A 179 28.99 0.23 2.86
CA TYR A 179 28.14 -0.94 3.14
C TYR A 179 28.74 -1.81 4.24
N GLU A 180 30.07 -1.87 4.35
CA GLU A 180 30.68 -2.66 5.41
C GLU A 180 30.38 -2.07 6.79
N GLU A 181 30.27 -0.75 6.89
CA GLU A 181 29.84 -0.12 8.13
C GLU A 181 28.33 -0.11 8.28
N TYR A 182 27.60 -0.20 7.16
CA TYR A 182 26.15 -0.37 7.23
C TYR A 182 25.78 -1.71 7.84
N VAL A 183 26.57 -2.75 7.59
CA VAL A 183 26.25 -4.08 8.11
C VAL A 183 26.45 -4.12 9.63
N VAL A 184 27.56 -3.58 10.12
CA VAL A 184 27.88 -3.68 11.54
C VAL A 184 26.92 -2.82 12.36
N LEU A 185 26.61 -1.61 11.89
CA LEU A 185 25.70 -0.75 12.63
C LEU A 185 24.30 -1.34 12.67
N GLU A 186 23.82 -1.89 11.55
CA GLU A 186 22.49 -2.50 11.53
C GLU A 186 22.46 -3.81 12.31
N ASN A 187 23.61 -4.43 12.56
CA ASN A 187 23.68 -5.61 13.41
C ASN A 187 23.81 -5.25 14.89
N GLU A 188 24.07 -3.99 15.21
CA GLU A 188 24.04 -3.53 16.60
C GLU A 188 22.64 -3.10 17.00
N MET A 189 21.91 -2.46 16.09
CA MET A 189 20.51 -2.14 16.36
C MET A 189 19.68 -3.39 16.53
N ALA A 190 19.91 -4.40 15.67
CA ALA A 190 19.12 -5.63 15.75
C ALA A 190 19.41 -6.39 17.03
N ARG A 191 20.68 -6.52 17.41
CA ARG A 191 21.01 -7.27 18.61
C ARG A 191 20.53 -6.56 19.87
N ALA A 192 20.62 -5.22 19.89
CA ALA A 192 20.07 -4.47 21.01
C ALA A 192 18.56 -4.61 21.08
N ASN A 193 17.90 -4.75 19.93
CA ASN A 193 16.46 -4.95 19.85
C ASN A 193 16.06 -6.41 19.97
N ASN A 194 16.93 -7.25 20.54
CA ASN A 194 16.67 -8.68 20.73
C ASN A 194 16.38 -9.38 19.41
N TYR A 195 17.33 -9.24 18.48
CA TYR A 195 17.33 -10.00 17.23
C TYR A 195 18.73 -10.53 16.99
N GLU A 196 18.81 -11.67 16.32
CA GLU A 196 20.11 -12.29 16.06
C GLU A 196 20.96 -11.40 15.16
N ASP A 197 20.40 -10.97 14.03
CA ASP A 197 21.12 -10.15 13.06
C ASP A 197 20.12 -9.25 12.38
N TYR A 198 20.63 -8.35 11.54
CA TYR A 198 19.75 -7.49 10.75
C TYR A 198 18.99 -8.28 9.70
N GLY A 199 19.49 -9.46 9.33
CA GLY A 199 18.73 -10.36 8.49
C GLY A 199 17.63 -11.10 9.22
N ASP A 200 17.58 -10.96 10.55
CA ASP A 200 16.48 -11.46 11.36
C ASP A 200 15.43 -10.40 11.62
N TYR A 201 15.83 -9.12 11.64
CA TYR A 201 14.86 -8.04 11.72
C TYR A 201 13.96 -8.01 10.50
N TRP A 202 14.54 -8.23 9.31
CA TRP A 202 13.75 -8.24 8.08
C TRP A 202 12.78 -9.42 8.03
N ARG A 203 13.19 -10.57 8.58
CA ARG A 203 12.30 -11.73 8.62
C ARG A 203 11.26 -11.63 9.73
N GLY A 204 11.32 -10.60 10.57
CA GLY A 204 10.32 -10.40 11.59
C GLY A 204 8.98 -9.93 11.07
N ASP A 205 8.92 -9.46 9.82
CA ASP A 205 7.64 -9.11 9.21
C ASP A 205 6.77 -10.32 8.97
N TYR A 206 7.36 -11.51 8.87
CA TYR A 206 6.63 -12.75 8.65
C TYR A 206 6.48 -13.56 9.93
N GLU A 207 6.69 -12.95 11.09
CA GLU A 207 6.69 -13.66 12.37
C GLU A 207 5.33 -13.54 13.03
N VAL A 208 4.74 -14.69 13.36
CA VAL A 208 3.51 -14.75 14.15
C VAL A 208 3.80 -15.59 15.39
N THR A 209 3.63 -14.99 16.57
CA THR A 209 3.96 -15.66 17.81
C THR A 209 2.82 -15.57 18.83
N GLY A 210 1.59 -15.37 18.39
CA GLY A 210 0.48 -15.25 19.31
C GLY A 210 -0.61 -16.29 19.11
N ALA A 211 -0.75 -16.81 17.90
CA ALA A 211 -1.81 -17.75 17.58
C ALA A 211 -1.35 -19.18 17.77
N ASP A 212 -2.32 -20.06 17.99
CA ASP A 212 -2.08 -21.50 18.12
C ASP A 212 -2.52 -22.17 16.81
N GLY A 213 -1.59 -22.87 16.17
CA GLY A 213 -1.84 -23.45 14.87
C GLY A 213 -1.62 -22.50 13.71
N TYR A 214 -1.33 -21.22 13.98
CA TYR A 214 -1.00 -20.24 12.96
C TYR A 214 0.32 -19.55 13.29
N ASP A 215 1.23 -20.27 13.95
CA ASP A 215 2.48 -19.70 14.42
C ASP A 215 3.54 -19.84 13.34
N TYR A 216 4.16 -18.72 12.97
CA TYR A 216 5.20 -18.69 11.96
C TYR A 216 6.41 -18.00 12.57
N SER A 217 7.55 -18.69 12.56
CA SER A 217 8.76 -18.17 13.16
C SER A 217 9.61 -17.44 12.13
N ARG A 218 10.61 -16.70 12.62
CA ARG A 218 11.53 -15.99 11.75
C ARG A 218 12.54 -16.91 11.10
N ASN A 219 12.74 -18.11 11.64
CA ASN A 219 13.61 -19.12 11.03
C ASN A 219 12.84 -20.11 10.17
N GLN A 220 11.52 -19.99 10.10
CA GLN A 220 10.72 -20.82 9.22
C GLN A 220 10.52 -20.20 7.85
N LEU A 221 10.70 -18.89 7.74
CA LEU A 221 10.69 -18.25 6.42
C LEU A 221 11.82 -18.77 5.55
N ILE A 222 13.01 -18.93 6.14
CA ILE A 222 14.13 -19.51 5.39
C ILE A 222 13.79 -20.93 4.96
N ALA A 223 13.10 -21.68 5.82
CA ALA A 223 12.71 -23.05 5.46
C ALA A 223 11.75 -23.05 4.28
N ASP A 224 10.76 -22.15 4.28
CA ASP A 224 9.79 -22.12 3.19
C ASP A 224 10.36 -21.49 1.93
N VAL A 225 11.23 -20.48 2.07
CA VAL A 225 11.82 -19.86 0.89
C VAL A 225 12.73 -20.85 0.17
N GLU A 226 13.45 -21.68 0.92
CA GLU A 226 14.31 -22.69 0.32
C GLU A 226 13.58 -23.98 0.00
N ARG A 227 12.33 -24.13 0.42
CA ARG A 227 11.53 -25.29 0.05
C ARG A 227 10.68 -25.03 -1.19
N THR A 228 10.23 -23.80 -1.39
CA THR A 228 9.49 -23.44 -2.59
C THR A 228 10.40 -23.17 -3.78
N PHE A 229 11.68 -22.95 -3.55
CA PHE A 229 12.65 -22.76 -4.63
C PHE A 229 13.19 -24.08 -5.15
N ALA A 230 13.02 -25.18 -4.41
CA ALA A 230 13.44 -26.49 -4.87
C ALA A 230 12.47 -27.08 -5.90
N GLU A 231 11.32 -26.43 -6.12
CA GLU A 231 10.38 -26.82 -7.15
C GLU A 231 10.36 -25.87 -8.33
N ILE A 232 10.75 -24.61 -8.14
CA ILE A 232 10.87 -23.68 -9.25
C ILE A 232 12.05 -24.07 -10.14
N LYS A 233 13.12 -24.60 -9.54
CA LYS A 233 14.33 -24.92 -10.29
C LYS A 233 14.10 -25.83 -11.49
N PRO A 234 13.32 -26.91 -11.41
CA PRO A 234 13.03 -27.67 -12.64
C PRO A 234 12.37 -26.85 -13.73
N LEU A 235 11.51 -25.89 -13.36
CA LEU A 235 10.91 -25.01 -14.36
C LEU A 235 11.90 -23.95 -14.82
N TYR A 236 12.74 -23.44 -13.93
CA TYR A 236 13.69 -22.39 -14.29
C TYR A 236 14.81 -22.94 -15.17
N GLU A 237 15.20 -24.20 -14.98
CA GLU A 237 16.24 -24.79 -15.82
C GLU A 237 15.80 -24.85 -17.28
N GLN A 238 14.54 -25.24 -17.51
CA GLN A 238 14.04 -25.30 -18.88
C GLN A 238 14.00 -23.90 -19.51
N LEU A 239 13.55 -22.89 -18.76
CA LEU A 239 13.56 -21.53 -19.27
C LEU A 239 14.98 -21.03 -19.48
N HIS A 240 15.87 -21.32 -18.53
CA HIS A 240 17.27 -20.90 -18.66
C HIS A 240 17.93 -21.53 -19.87
N ALA A 241 17.65 -22.82 -20.10
CA ALA A 241 18.20 -23.49 -21.28
C ALA A 241 17.67 -22.88 -22.57
N TYR A 242 16.37 -22.60 -22.62
CA TYR A 242 15.79 -22.02 -23.83
C TYR A 242 16.34 -20.63 -24.10
N VAL A 243 16.43 -19.80 -23.07
CA VAL A 243 16.98 -18.45 -23.25
C VAL A 243 18.43 -18.53 -23.67
N ARG A 244 19.19 -19.45 -23.06
CA ARG A 244 20.59 -19.61 -23.42
C ARG A 244 20.75 -20.03 -24.88
N ALA A 245 19.88 -20.93 -25.36
CA ALA A 245 19.95 -21.36 -26.75
C ALA A 245 19.67 -20.20 -27.70
N LYS A 246 18.68 -19.37 -27.38
CA LYS A 246 18.35 -18.24 -28.24
C LYS A 246 19.43 -17.17 -28.19
N LEU A 247 20.09 -16.99 -27.03
CA LEU A 247 21.15 -15.99 -26.93
C LEU A 247 22.36 -16.36 -27.75
N MET A 248 22.63 -17.67 -27.90
CA MET A 248 23.74 -18.08 -28.76
C MET A 248 23.53 -17.66 -30.20
N ASP A 249 22.28 -17.75 -30.68
CA ASP A 249 21.96 -17.23 -32.00
C ASP A 249 22.18 -15.73 -32.08
N ALA A 250 21.78 -15.00 -31.04
CA ALA A 250 21.96 -13.55 -31.03
C ALA A 250 23.42 -13.16 -30.84
N TYR A 251 24.15 -13.94 -30.04
CA TYR A 251 25.56 -13.67 -29.73
C TYR A 251 26.36 -14.92 -30.07
N PRO A 252 26.68 -15.13 -31.34
CA PRO A 252 27.46 -16.32 -31.71
C PRO A 252 28.85 -16.29 -31.09
N SER A 253 29.32 -17.47 -30.68
CA SER A 253 30.65 -17.67 -30.10
C SER A 253 30.87 -16.84 -28.85
N ARG A 254 29.79 -16.40 -28.18
CA ARG A 254 29.90 -15.60 -26.96
C ARG A 254 29.44 -16.33 -25.71
N ILE A 255 28.64 -17.39 -25.84
CA ILE A 255 28.11 -18.12 -24.70
C ILE A 255 28.37 -19.60 -24.93
N SER A 256 28.89 -20.28 -23.91
CA SER A 256 29.08 -21.71 -24.00
C SER A 256 27.73 -22.42 -23.99
N PRO A 257 27.56 -23.47 -24.79
CA PRO A 257 26.26 -24.16 -24.82
C PRO A 257 25.84 -24.73 -23.47
N THR A 258 26.79 -25.24 -22.68
CA THR A 258 26.51 -25.77 -21.36
C THR A 258 26.89 -24.81 -20.23
N GLY A 259 27.40 -23.64 -20.57
CA GLY A 259 27.85 -22.69 -19.56
C GLY A 259 26.73 -21.78 -19.06
N CYS A 260 27.11 -20.90 -18.15
CA CYS A 260 26.17 -19.94 -17.58
C CYS A 260 26.02 -18.73 -18.51
N LEU A 261 24.99 -17.93 -18.23
CA LEU A 261 24.70 -16.73 -19.00
C LEU A 261 25.49 -15.56 -18.46
N PRO A 262 26.22 -14.83 -19.31
CA PRO A 262 26.87 -13.60 -18.85
C PRO A 262 25.85 -12.60 -18.33
N ALA A 263 26.25 -11.86 -17.30
CA ALA A 263 25.31 -10.99 -16.59
C ALA A 263 24.80 -9.85 -17.47
N HIS A 264 25.64 -9.29 -18.32
CA HIS A 264 25.26 -8.13 -19.11
C HIS A 264 24.32 -8.47 -20.27
N LEU A 265 24.05 -9.75 -20.50
CA LEU A 265 23.19 -10.18 -21.60
C LEU A 265 21.78 -10.54 -21.14
N LEU A 266 21.42 -10.18 -19.91
CA LEU A 266 20.12 -10.54 -19.34
C LEU A 266 19.02 -9.53 -19.63
N GLY A 267 19.32 -8.48 -20.39
CA GLY A 267 18.32 -7.48 -20.71
C GLY A 267 18.07 -6.46 -19.63
N ASP A 268 18.97 -6.33 -18.66
CA ASP A 268 18.80 -5.36 -17.59
C ASP A 268 20.17 -5.05 -16.99
N MET A 269 20.24 -3.95 -16.27
CA MET A 269 21.50 -3.55 -15.64
C MET A 269 21.98 -4.60 -14.65
N TRP A 270 21.06 -5.23 -13.92
CA TRP A 270 21.41 -6.23 -12.92
C TRP A 270 20.94 -7.63 -13.27
N GLY A 271 19.95 -7.77 -14.14
CA GLY A 271 19.41 -9.07 -14.49
C GLY A 271 18.15 -9.46 -13.74
N ARG A 272 17.49 -8.50 -13.08
CA ARG A 272 16.31 -8.82 -12.29
C ARG A 272 15.19 -9.36 -13.17
N PHE A 273 14.88 -8.67 -14.26
CA PHE A 273 13.80 -9.06 -15.16
C PHE A 273 14.37 -9.42 -16.53
N TRP A 274 13.88 -10.51 -17.10
CA TRP A 274 14.26 -10.94 -18.44
C TRP A 274 13.30 -10.45 -19.51
N THR A 275 12.44 -9.48 -19.18
CA THR A 275 11.43 -9.03 -20.14
C THR A 275 12.05 -8.43 -21.40
N ASN A 276 13.25 -7.87 -21.28
CA ASN A 276 13.91 -7.24 -22.42
C ASN A 276 14.67 -8.23 -23.28
N LEU A 277 14.60 -9.52 -22.96
CA LEU A 277 15.11 -10.58 -23.81
C LEU A 277 14.03 -11.19 -24.69
N TYR A 278 12.81 -10.67 -24.60
CA TYR A 278 11.72 -11.20 -25.42
C TYR A 278 11.98 -11.08 -26.92
N PRO A 279 12.39 -9.92 -27.47
CA PRO A 279 12.61 -9.87 -28.93
C PRO A 279 13.61 -10.88 -29.43
N LEU A 280 14.65 -11.17 -28.67
CA LEU A 280 15.59 -12.22 -29.07
C LEU A 280 14.97 -13.60 -28.93
N THR A 281 14.10 -13.78 -27.94
CA THR A 281 13.56 -15.09 -27.59
C THR A 281 12.07 -15.21 -27.87
N VAL A 282 11.60 -14.63 -28.97
CA VAL A 282 10.21 -14.83 -29.36
C VAL A 282 10.02 -16.28 -29.80
N PRO A 283 9.08 -17.02 -29.22
CA PRO A 283 8.84 -18.40 -29.69
C PRO A 283 8.43 -18.45 -31.16
N PHE A 284 7.43 -17.67 -31.55
CA PHE A 284 6.96 -17.59 -32.93
C PHE A 284 7.16 -16.16 -33.40
N GLY A 285 8.30 -15.90 -34.05
CA GLY A 285 8.62 -14.55 -34.46
C GLY A 285 7.67 -13.97 -35.49
N GLU A 286 7.16 -14.81 -36.39
CA GLU A 286 6.27 -14.32 -37.44
C GLU A 286 4.97 -13.77 -36.85
N LYS A 287 4.40 -14.47 -35.86
CA LYS A 287 3.16 -14.03 -35.26
C LYS A 287 3.42 -12.89 -34.28
N PRO A 288 2.81 -11.73 -34.47
CA PRO A 288 3.01 -10.62 -33.52
C PRO A 288 2.26 -10.86 -32.22
N SER A 289 2.70 -10.15 -31.18
CA SER A 289 2.06 -10.25 -29.88
C SER A 289 0.72 -9.51 -29.88
N ILE A 290 -0.08 -9.77 -28.86
CA ILE A 290 -1.39 -9.15 -28.72
C ILE A 290 -1.18 -7.77 -28.10
N ASP A 291 -1.26 -6.73 -28.92
CA ASP A 291 -1.09 -5.36 -28.45
C ASP A 291 -2.28 -4.53 -28.92
N VAL A 292 -2.79 -3.69 -28.03
CA VAL A 292 -3.92 -2.82 -28.31
C VAL A 292 -3.53 -1.34 -28.22
N THR A 293 -2.22 -1.06 -28.28
CA THR A 293 -1.77 0.33 -28.24
C THR A 293 -2.34 1.13 -29.41
N LYS A 294 -2.28 0.57 -30.61
CA LYS A 294 -2.84 1.26 -31.77
C LYS A 294 -4.36 1.20 -31.75
N GLU A 295 -4.94 0.11 -31.26
CA GLU A 295 -6.38 -0.04 -31.25
C GLU A 295 -7.05 0.99 -30.33
N MET A 296 -6.47 1.24 -29.16
CA MET A 296 -7.05 2.21 -28.24
C MET A 296 -7.05 3.60 -28.85
N GLN A 297 -5.98 3.96 -29.56
CA GLN A 297 -5.93 5.26 -30.22
C GLN A 297 -7.00 5.40 -31.28
N ASN A 298 -7.35 4.32 -31.96
CA ASN A 298 -8.38 4.38 -32.99
C ASN A 298 -9.77 4.60 -32.42
N GLN A 299 -10.00 4.26 -31.15
CA GLN A 299 -11.30 4.44 -30.52
C GLN A 299 -11.37 5.70 -29.68
N SER A 300 -10.37 6.59 -29.78
CA SER A 300 -10.31 7.83 -29.03
C SER A 300 -10.38 7.57 -27.52
N TRP A 301 -9.44 6.77 -27.05
CA TRP A 301 -9.31 6.44 -25.63
C TRP A 301 -8.44 7.50 -24.96
N ASP A 302 -9.06 8.31 -24.10
CA ASP A 302 -8.33 9.37 -23.41
C ASP A 302 -7.52 8.80 -22.25
N ALA A 303 -6.69 9.66 -21.65
CA ALA A 303 -5.90 9.26 -20.51
C ALA A 303 -6.76 8.92 -19.30
N LYS A 304 -8.01 9.40 -19.27
CA LYS A 304 -8.93 9.10 -18.19
C LYS A 304 -9.81 7.88 -18.48
N ARG A 305 -10.00 7.54 -19.76
CA ARG A 305 -10.81 6.39 -20.11
C ARG A 305 -10.23 5.10 -19.59
N ILE A 306 -8.90 5.03 -19.48
CA ILE A 306 -8.25 3.81 -18.97
C ILE A 306 -8.68 3.55 -17.54
N PHE A 307 -8.58 4.57 -16.68
CA PHE A 307 -8.95 4.40 -15.28
C PHE A 307 -10.45 4.17 -15.12
N LYS A 308 -11.27 4.79 -15.97
CA LYS A 308 -12.70 4.52 -15.95
C LYS A 308 -12.98 3.08 -16.35
N GLU A 309 -12.24 2.56 -17.33
CA GLU A 309 -12.40 1.17 -17.71
C GLU A 309 -11.77 0.23 -16.68
N ALA A 310 -10.66 0.64 -16.09
CA ALA A 310 -10.03 -0.16 -15.05
C ALA A 310 -10.94 -0.31 -13.84
N GLU A 311 -11.64 0.77 -13.46
CA GLU A 311 -12.60 0.68 -12.38
C GLU A 311 -13.71 -0.30 -12.70
N LYS A 312 -14.16 -0.33 -13.96
CA LYS A 312 -15.23 -1.23 -14.36
C LYS A 312 -14.84 -2.69 -14.15
N PHE A 313 -13.54 -2.99 -14.21
CA PHE A 313 -13.07 -4.35 -13.92
C PHE A 313 -13.28 -4.69 -12.45
N PHE A 314 -12.89 -3.78 -11.55
CA PHE A 314 -13.06 -4.05 -10.12
C PHE A 314 -14.52 -4.02 -9.71
N VAL A 315 -15.33 -3.19 -10.37
CA VAL A 315 -16.76 -3.19 -10.09
C VAL A 315 -17.41 -4.50 -10.56
N SER A 316 -16.92 -5.07 -11.66
CA SER A 316 -17.47 -6.30 -12.18
C SER A 316 -17.31 -7.44 -11.17
N ILE A 317 -16.13 -7.53 -10.54
CA ILE A 317 -15.89 -8.58 -9.55
C ILE A 317 -16.50 -8.27 -8.20
N GLY A 318 -17.11 -7.10 -8.04
CA GLY A 318 -17.79 -6.75 -6.82
C GLY A 318 -17.04 -5.85 -5.86
N LEU A 319 -15.87 -5.36 -6.23
CA LEU A 319 -15.12 -4.45 -5.37
C LEU A 319 -15.71 -3.05 -5.43
N PRO A 320 -15.56 -2.26 -4.37
CA PRO A 320 -16.17 -0.94 -4.33
C PRO A 320 -15.62 0.00 -5.40
N ASN A 321 -16.46 0.92 -5.84
CA ASN A 321 -16.07 1.93 -6.81
C ASN A 321 -15.07 2.91 -6.20
N MET A 322 -14.28 3.53 -7.06
CA MET A 322 -13.38 4.58 -6.60
C MET A 322 -14.17 5.78 -6.11
N THR A 323 -13.62 6.46 -5.09
CA THR A 323 -14.30 7.59 -4.50
C THR A 323 -14.34 8.77 -5.47
N GLN A 324 -15.32 9.64 -5.26
CA GLN A 324 -15.44 10.85 -6.08
C GLN A 324 -14.22 11.74 -5.91
N GLU A 325 -13.74 11.88 -4.68
CA GLU A 325 -12.55 12.70 -4.43
C GLU A 325 -11.30 12.12 -5.08
N PHE A 326 -11.31 10.82 -5.39
CA PHE A 326 -10.15 10.20 -6.04
C PHE A 326 -9.91 10.80 -7.42
N TRP A 327 -10.97 10.98 -8.20
CA TRP A 327 -10.81 11.49 -9.57
C TRP A 327 -10.29 12.92 -9.57
N VAL A 328 -10.81 13.77 -8.69
CA VAL A 328 -10.44 15.18 -8.69
C VAL A 328 -9.00 15.36 -8.23
N ASN A 329 -8.59 14.61 -7.20
CA ASN A 329 -7.31 14.83 -6.55
C ASN A 329 -6.18 13.97 -7.11
N SER A 330 -6.43 13.14 -8.11
CA SER A 330 -5.40 12.27 -8.67
C SER A 330 -4.87 12.85 -9.98
N MET A 331 -3.56 12.77 -10.16
CA MET A 331 -2.91 13.23 -11.39
C MET A 331 -2.91 12.09 -12.41
N LEU A 332 -4.09 11.84 -12.96
CA LEU A 332 -4.24 10.77 -13.95
C LEU A 332 -3.52 11.09 -15.25
N THR A 333 -3.41 12.37 -15.60
CA THR A 333 -2.79 12.79 -16.85
C THR A 333 -1.65 13.76 -16.54
N GLU A 334 -0.64 13.74 -17.40
CA GLU A 334 0.48 14.65 -17.25
C GLU A 334 0.00 16.09 -17.38
N PRO A 335 0.27 16.94 -16.40
CA PRO A 335 -0.16 18.34 -16.51
C PRO A 335 0.63 19.10 -17.56
N GLY A 336 -0.05 20.00 -18.25
CA GLY A 336 0.62 20.81 -19.26
C GLY A 336 1.65 21.76 -18.69
N ASP A 337 1.40 22.27 -17.48
CA ASP A 337 2.34 23.20 -16.84
C ASP A 337 3.67 22.51 -16.60
N GLY A 338 4.75 23.27 -16.76
CA GLY A 338 6.09 22.72 -16.65
C GLY A 338 6.54 22.44 -15.23
N ARG A 339 5.73 21.71 -14.48
CA ARG A 339 6.10 21.29 -13.13
C ARG A 339 6.87 19.98 -13.19
N LYS A 340 7.87 19.85 -12.32
CA LYS A 340 8.75 18.68 -12.32
C LYS A 340 8.05 17.55 -11.56
N VAL A 341 7.18 16.83 -12.27
CA VAL A 341 6.41 15.75 -11.67
C VAL A 341 7.21 14.46 -11.73
N VAL A 342 7.39 13.82 -10.58
CA VAL A 342 7.94 12.47 -10.54
C VAL A 342 6.86 11.53 -11.07
N CYS A 343 7.10 10.91 -12.23
CA CYS A 343 6.10 10.10 -12.90
C CYS A 343 6.25 8.62 -12.61
N HIS A 344 6.88 8.26 -11.49
CA HIS A 344 6.88 6.87 -11.06
C HIS A 344 5.45 6.48 -10.70
N PRO A 345 4.89 5.44 -11.32
CA PRO A 345 3.50 5.05 -11.01
C PRO A 345 3.41 4.45 -9.61
N THR A 346 2.71 5.15 -8.72
CA THR A 346 2.54 4.69 -7.35
C THR A 346 1.12 4.99 -6.88
N ALA A 347 0.67 4.22 -5.91
CA ALA A 347 -0.62 4.42 -5.26
C ALA A 347 -0.39 5.00 -3.87
N TRP A 348 -1.12 6.07 -3.53
CA TRP A 348 -0.92 6.80 -2.30
C TRP A 348 -2.04 6.49 -1.33
N ASP A 349 -1.68 5.95 -0.16
CA ASP A 349 -2.60 5.82 0.96
C ASP A 349 -2.29 6.94 1.94
N LEU A 350 -2.81 8.13 1.62
CA LEU A 350 -2.55 9.29 2.45
C LEU A 350 -3.17 9.15 3.83
N GLY A 351 -4.36 8.55 3.91
CA GLY A 351 -5.12 8.48 5.13
C GLY A 351 -6.30 9.43 5.09
N LYS A 352 -7.07 9.41 6.18
CA LYS A 352 -8.25 10.25 6.32
C LYS A 352 -9.24 10.04 5.18
N GLY A 353 -9.28 8.82 4.65
CA GLY A 353 -10.18 8.51 3.56
C GLY A 353 -9.76 9.04 2.20
N ASP A 354 -8.50 9.45 2.05
CA ASP A 354 -7.99 10.03 0.81
C ASP A 354 -7.02 9.04 0.18
N PHE A 355 -7.42 8.48 -0.97
CA PHE A 355 -6.59 7.56 -1.75
C PHE A 355 -6.34 8.16 -3.12
N ARG A 356 -5.08 8.15 -3.55
CA ARG A 356 -4.70 8.78 -4.81
C ARG A 356 -3.72 7.89 -5.56
N ILE A 357 -3.72 8.04 -6.88
CA ILE A 357 -2.79 7.35 -7.77
C ILE A 357 -2.04 8.39 -8.58
N LYS A 358 -0.72 8.29 -8.60
CA LYS A 358 0.14 9.23 -9.30
C LYS A 358 0.72 8.55 -10.53
N MET A 359 0.16 8.84 -11.70
CA MET A 359 0.68 8.28 -12.93
C MET A 359 0.27 9.17 -14.10
N CYS A 360 1.26 9.66 -14.85
CA CYS A 360 1.03 10.52 -16.01
C CYS A 360 0.76 9.62 -17.21
N THR A 361 -0.52 9.46 -17.54
CA THR A 361 -0.91 8.48 -18.54
C THR A 361 -0.44 8.92 -19.93
N LYS A 362 0.21 7.99 -20.63
CA LYS A 362 0.77 8.17 -21.97
C LYS A 362 0.15 7.11 -22.87
N VAL A 363 -1.18 7.12 -22.99
CA VAL A 363 -2.02 5.93 -23.16
C VAL A 363 -1.40 4.90 -24.09
N THR A 364 -1.25 3.69 -23.56
CA THR A 364 -0.53 2.59 -24.18
C THR A 364 -0.96 1.32 -23.46
N MET A 365 -0.89 0.18 -24.16
CA MET A 365 -1.28 -1.09 -23.57
C MET A 365 -0.64 -1.30 -22.20
N ASP A 366 0.67 -1.05 -22.08
CA ASP A 366 1.33 -1.20 -20.79
C ASP A 366 0.80 -0.23 -19.75
N ASP A 367 0.26 0.92 -20.17
CA ASP A 367 -0.41 1.82 -19.24
C ASP A 367 -1.85 1.43 -18.99
N PHE A 368 -2.35 0.40 -19.68
CA PHE A 368 -3.65 -0.20 -19.36
C PHE A 368 -3.51 -1.43 -18.49
N LEU A 369 -2.34 -2.04 -18.45
CA LEU A 369 -2.06 -3.17 -17.57
C LEU A 369 -1.33 -2.77 -16.31
N THR A 370 -0.97 -1.50 -16.16
CA THR A 370 -0.43 -0.98 -14.92
C THR A 370 -1.41 -0.03 -14.22
N ALA A 371 -2.52 0.30 -14.86
CA ALA A 371 -3.63 0.99 -14.21
C ALA A 371 -4.58 0.03 -13.54
N HIS A 372 -4.35 -1.27 -13.66
CA HIS A 372 -5.05 -2.29 -12.88
C HIS A 372 -4.23 -2.77 -11.70
N HIS A 373 -2.92 -2.54 -11.70
CA HIS A 373 -2.05 -2.87 -10.57
C HIS A 373 -2.02 -1.78 -9.53
N GLU A 374 -1.99 -0.52 -9.95
CA GLU A 374 -2.07 0.59 -9.00
C GLU A 374 -3.48 0.73 -8.46
N MET A 375 -4.49 0.54 -9.29
CA MET A 375 -5.87 0.49 -8.84
C MET A 375 -6.19 -0.81 -8.11
N GLY A 376 -5.20 -1.69 -7.95
CA GLY A 376 -5.37 -2.88 -7.14
C GLY A 376 -4.71 -2.68 -5.79
N HIS A 377 -3.81 -1.70 -5.71
CA HIS A 377 -3.28 -1.28 -4.43
C HIS A 377 -4.28 -0.45 -3.65
N ILE A 378 -5.07 0.38 -4.35
CA ILE A 378 -6.06 1.20 -3.66
C ILE A 378 -7.19 0.32 -3.14
N GLN A 379 -7.66 -0.62 -3.96
CA GLN A 379 -8.71 -1.54 -3.50
C GLN A 379 -8.27 -2.30 -2.26
N TYR A 380 -6.97 -2.61 -2.16
CA TYR A 380 -6.45 -3.22 -0.94
C TYR A 380 -6.43 -2.20 0.20
N ASP A 381 -6.03 -0.96 -0.10
CA ASP A 381 -6.01 0.09 0.92
C ASP A 381 -7.41 0.44 1.38
N MET A 382 -8.36 0.52 0.46
CA MET A 382 -9.74 0.88 0.82
C MET A 382 -10.39 -0.19 1.67
N ALA A 383 -9.94 -1.44 1.57
CA ALA A 383 -10.63 -2.53 2.22
C ALA A 383 -10.41 -2.52 3.74
N TYR A 384 -9.19 -2.24 4.19
CA TYR A 384 -8.89 -2.24 5.61
C TYR A 384 -8.93 -0.84 6.21
N ALA A 385 -9.61 0.10 5.56
CA ALA A 385 -9.74 1.44 6.12
C ALA A 385 -10.60 1.46 7.37
N THR A 386 -11.38 0.41 7.60
CA THR A 386 -12.18 0.29 8.82
C THR A 386 -11.40 -0.31 9.98
N GLN A 387 -10.22 -0.86 9.73
CA GLN A 387 -9.38 -1.41 10.78
C GLN A 387 -8.74 -0.28 11.59
N PRO A 388 -8.27 -0.59 12.80
CA PRO A 388 -7.55 0.43 13.58
C PRO A 388 -6.32 0.93 12.83
N PHE A 389 -5.90 2.15 13.19
CA PHE A 389 -4.87 2.84 12.41
C PHE A 389 -3.57 2.04 12.35
N LEU A 390 -3.17 1.45 13.48
CA LEU A 390 -1.95 0.65 13.48
C LEU A 390 -2.08 -0.58 12.61
N LEU A 391 -3.27 -1.20 12.58
CA LEU A 391 -3.52 -2.36 11.74
C LEU A 391 -4.08 -1.98 10.38
N ARG A 392 -3.43 -1.05 9.69
CA ARG A 392 -3.81 -0.63 8.34
C ARG A 392 -2.61 -0.84 7.44
N ASN A 393 -2.47 -2.05 6.92
CA ASN A 393 -1.35 -2.46 6.08
C ASN A 393 -1.62 -3.90 5.66
N GLY A 394 -0.81 -4.38 4.72
CA GLY A 394 -0.90 -5.78 4.34
C GLY A 394 -0.59 -6.70 5.51
N ALA A 395 -1.09 -7.93 5.42
CA ALA A 395 -0.83 -8.90 6.48
C ALA A 395 0.66 -9.15 6.63
N ASN A 396 1.38 -9.22 5.51
CA ASN A 396 2.83 -9.17 5.51
C ASN A 396 3.27 -8.25 4.39
N GLU A 397 4.58 -8.09 4.23
CA GLU A 397 5.08 -7.21 3.17
C GLU A 397 4.86 -7.77 1.78
N GLY A 398 4.48 -9.04 1.65
CA GLY A 398 4.28 -9.66 0.37
C GLY A 398 2.83 -9.77 -0.07
N PHE A 399 1.89 -9.24 0.70
CA PHE A 399 0.49 -9.29 0.32
C PHE A 399 0.03 -8.05 -0.42
N HIS A 400 0.65 -6.90 -0.16
CA HIS A 400 0.19 -5.65 -0.76
C HIS A 400 0.60 -5.55 -2.23
N GLU A 401 1.76 -6.09 -2.57
CA GLU A 401 2.22 -6.10 -3.95
C GLU A 401 1.72 -7.30 -4.74
N ALA A 402 1.10 -8.28 -4.08
CA ALA A 402 0.57 -9.44 -4.78
C ALA A 402 -0.89 -9.27 -5.15
N VAL A 403 -1.65 -8.50 -4.37
CA VAL A 403 -3.05 -8.24 -4.71
C VAL A 403 -3.15 -7.44 -6.01
N GLY A 404 -2.28 -6.44 -6.17
CA GLY A 404 -2.30 -5.67 -7.40
C GLY A 404 -1.90 -6.47 -8.63
N GLU A 405 -0.99 -7.43 -8.46
CA GLU A 405 -0.46 -8.16 -9.61
C GLU A 405 -1.47 -9.16 -10.17
N ILE A 406 -2.32 -9.74 -9.32
CA ILE A 406 -3.32 -10.68 -9.83
C ILE A 406 -4.37 -9.99 -10.70
N MET A 407 -4.48 -8.67 -10.59
CA MET A 407 -5.33 -7.92 -11.51
C MET A 407 -4.68 -7.78 -12.88
N SER A 408 -3.35 -7.67 -12.92
CA SER A 408 -2.63 -7.63 -14.19
C SER A 408 -2.77 -8.96 -14.94
N LEU A 409 -2.76 -10.07 -14.22
CA LEU A 409 -2.95 -11.37 -14.86
C LEU A 409 -4.31 -11.47 -15.51
N SER A 410 -5.35 -10.98 -14.83
CA SER A 410 -6.69 -11.02 -15.42
C SER A 410 -6.85 -10.03 -16.56
N ALA A 411 -6.18 -8.88 -16.48
CA ALA A 411 -6.30 -7.84 -17.48
C ALA A 411 -5.40 -8.08 -18.70
N ALA A 412 -4.45 -9.00 -18.61
CA ALA A 412 -3.58 -9.31 -19.74
C ALA A 412 -4.10 -10.43 -20.62
N THR A 413 -5.11 -11.15 -20.17
CA THR A 413 -5.64 -12.26 -20.96
C THR A 413 -6.35 -11.73 -22.20
N PRO A 414 -6.25 -12.43 -23.33
CA PRO A 414 -7.00 -11.99 -24.52
C PRO A 414 -8.51 -12.00 -24.33
N HIS A 415 -9.03 -12.83 -23.42
CA HIS A 415 -10.46 -12.86 -23.17
C HIS A 415 -10.96 -11.54 -22.61
N TYR A 416 -10.20 -10.95 -21.68
CA TYR A 416 -10.58 -9.67 -21.09
C TYR A 416 -10.54 -8.56 -22.13
N LEU A 417 -9.48 -8.51 -22.94
CA LEU A 417 -9.35 -7.47 -23.95
C LEU A 417 -10.42 -7.63 -25.03
N LYS A 418 -10.73 -8.87 -25.42
CA LYS A 418 -11.73 -9.10 -26.45
C LYS A 418 -13.11 -8.61 -26.00
N ALA A 419 -13.45 -8.84 -24.74
CA ALA A 419 -14.77 -8.44 -24.24
C ALA A 419 -14.94 -6.93 -24.28
N LEU A 420 -13.90 -6.19 -23.92
CA LEU A 420 -13.98 -4.73 -23.91
C LEU A 420 -14.10 -4.14 -25.31
N GLY A 421 -13.72 -4.89 -26.34
CA GLY A 421 -13.75 -4.39 -27.71
C GLY A 421 -12.41 -3.95 -28.26
N LEU A 422 -11.32 -4.17 -27.53
CA LEU A 422 -9.99 -3.82 -28.02
C LEU A 422 -9.42 -4.88 -28.96
N LEU A 423 -10.13 -5.98 -29.17
CA LEU A 423 -9.75 -7.01 -30.11
C LEU A 423 -10.94 -7.33 -31.00
N PRO A 424 -10.69 -7.77 -32.24
CA PRO A 424 -11.80 -8.07 -33.14
C PRO A 424 -12.65 -9.19 -32.59
N PRO A 425 -13.97 -9.16 -32.84
CA PRO A 425 -14.84 -10.23 -32.33
C PRO A 425 -14.50 -11.61 -32.86
N ASP A 426 -13.86 -11.70 -34.03
CA ASP A 426 -13.44 -12.97 -34.61
C ASP A 426 -11.98 -13.28 -34.33
N PHE A 427 -11.44 -12.75 -33.24
CA PHE A 427 -10.06 -13.04 -32.86
C PHE A 427 -9.89 -14.52 -32.58
N TYR A 428 -8.85 -15.11 -33.15
CA TYR A 428 -8.60 -16.54 -33.06
C TYR A 428 -7.41 -16.80 -32.13
N GLU A 429 -7.66 -17.53 -31.06
CA GLU A 429 -6.62 -17.87 -30.08
C GLU A 429 -6.04 -19.22 -30.44
N ASP A 430 -4.84 -19.22 -31.01
CA ASP A 430 -4.13 -20.43 -31.39
C ASP A 430 -3.03 -20.73 -30.38
N ASN A 431 -2.49 -21.95 -30.46
CA ASN A 431 -1.41 -22.34 -29.56
C ASN A 431 -0.17 -21.48 -29.75
N VAL A 432 -0.03 -20.83 -30.90
CA VAL A 432 1.13 -19.98 -31.15
C VAL A 432 1.14 -18.79 -30.20
N THR A 433 0.00 -18.11 -30.06
CA THR A 433 -0.06 -16.94 -29.19
C THR A 433 -0.11 -17.35 -27.72
N GLU A 434 -0.62 -18.54 -27.41
CA GLU A 434 -0.66 -19.01 -26.03
C GLU A 434 0.75 -19.15 -25.45
N ILE A 435 1.70 -19.62 -26.26
CA ILE A 435 3.08 -19.77 -25.81
C ILE A 435 3.86 -18.46 -25.92
N ASN A 436 3.38 -17.50 -26.70
CA ASN A 436 4.02 -16.19 -26.73
C ASN A 436 3.68 -15.37 -25.49
N PHE A 437 2.45 -15.51 -24.98
CA PHE A 437 2.06 -14.82 -23.76
C PHE A 437 2.71 -15.48 -22.55
N LEU A 438 2.70 -16.81 -22.48
CA LEU A 438 3.28 -17.51 -21.34
C LEU A 438 4.77 -17.27 -21.24
N LEU A 439 5.49 -17.23 -22.37
CA LEU A 439 6.92 -16.97 -22.33
C LEU A 439 7.23 -15.51 -22.03
N LYS A 440 6.31 -14.59 -22.34
CA LYS A 440 6.48 -13.21 -21.93
C LYS A 440 6.23 -13.01 -20.45
N GLN A 441 5.42 -13.87 -19.83
CA GLN A 441 5.21 -13.84 -18.39
C GLN A 441 6.29 -14.60 -17.63
N ALA A 442 6.92 -15.59 -18.27
CA ALA A 442 7.98 -16.33 -17.60
C ALA A 442 9.25 -15.51 -17.45
N LEU A 443 9.54 -14.65 -18.42
CA LEU A 443 10.71 -13.78 -18.33
C LEU A 443 10.58 -12.74 -17.22
N GLN A 444 9.37 -12.52 -16.70
CA GLN A 444 9.13 -11.59 -15.61
C GLN A 444 8.80 -12.26 -14.30
N ILE A 445 8.04 -13.36 -14.33
CA ILE A 445 7.58 -14.02 -13.12
C ILE A 445 8.56 -15.07 -12.64
N VAL A 446 8.93 -16.02 -13.50
CA VAL A 446 9.82 -17.10 -13.12
C VAL A 446 11.27 -16.83 -13.48
N GLY A 447 11.55 -15.70 -14.13
CA GLY A 447 12.92 -15.31 -14.42
C GLY A 447 13.55 -14.42 -13.39
N THR A 448 12.76 -13.89 -12.45
CA THR A 448 13.26 -13.04 -11.38
C THR A 448 13.43 -13.77 -10.07
N LEU A 449 12.78 -14.92 -9.89
CA LEU A 449 12.84 -15.63 -8.62
C LEU A 449 14.24 -16.10 -8.26
N PRO A 450 15.01 -16.73 -9.15
CA PRO A 450 16.40 -17.07 -8.78
C PRO A 450 17.25 -15.86 -8.45
N PHE A 451 17.04 -14.72 -9.12
CA PHE A 451 17.77 -13.51 -8.76
C PHE A 451 17.29 -12.96 -7.42
N THR A 452 15.99 -12.91 -7.22
CA THR A 452 15.45 -12.41 -5.95
C THR A 452 15.85 -13.31 -4.80
N TYR A 453 15.77 -14.62 -4.98
CA TYR A 453 16.12 -15.55 -3.91
C TYR A 453 17.62 -15.46 -3.57
N MET A 454 18.48 -15.40 -4.60
CA MET A 454 19.91 -15.38 -4.35
C MET A 454 20.34 -14.09 -3.67
N LEU A 455 19.78 -12.95 -4.10
CA LEU A 455 20.18 -11.66 -3.52
C LEU A 455 19.83 -11.60 -2.04
N GLU A 456 18.61 -12.01 -1.69
CA GLU A 456 18.21 -11.99 -0.29
C GLU A 456 18.95 -13.03 0.52
N LYS A 457 19.21 -14.21 -0.08
CA LYS A 457 20.02 -15.21 0.60
C LYS A 457 21.44 -14.75 0.83
N TRP A 458 21.97 -13.87 -0.03
CA TRP A 458 23.30 -13.33 0.18
C TRP A 458 23.32 -12.35 1.34
N ARG A 459 22.36 -11.42 1.38
CA ARG A 459 22.32 -10.44 2.46
C ARG A 459 22.01 -11.11 3.80
N TRP A 460 21.19 -12.15 3.78
CA TRP A 460 20.88 -12.87 5.02
C TRP A 460 22.13 -13.48 5.63
N MET A 461 22.97 -14.09 4.80
CA MET A 461 24.20 -14.70 5.31
C MET A 461 25.27 -13.67 5.64
N VAL A 462 25.30 -12.54 4.93
CA VAL A 462 26.25 -11.48 5.26
C VAL A 462 25.96 -10.92 6.64
N PHE A 463 24.68 -10.63 6.93
CA PHE A 463 24.31 -10.17 8.26
C PHE A 463 24.53 -11.26 9.30
N LYS A 464 24.20 -12.50 8.95
CA LYS A 464 24.34 -13.61 9.89
C LYS A 464 25.80 -13.84 10.27
N GLY A 465 26.70 -13.74 9.29
CA GLY A 465 28.11 -13.98 9.51
C GLY A 465 28.66 -15.19 8.79
N GLU A 466 27.86 -15.88 7.98
CA GLU A 466 28.36 -17.00 7.20
C GLU A 466 29.26 -16.56 6.05
N ILE A 467 29.26 -15.28 5.71
CA ILE A 467 30.13 -14.73 4.68
C ILE A 467 31.09 -13.76 5.34
N PRO A 468 32.35 -14.15 5.51
CA PRO A 468 33.33 -13.27 6.15
C PRO A 468 33.56 -12.00 5.33
N LYS A 469 34.23 -11.04 5.96
CA LYS A 469 34.47 -9.74 5.33
C LYS A 469 35.30 -9.88 4.06
N GLU A 470 36.11 -10.93 3.96
CA GLU A 470 37.01 -11.10 2.84
C GLU A 470 36.41 -11.94 1.71
N GLN A 471 35.16 -12.40 1.84
CA GLN A 471 34.55 -13.26 0.84
C GLN A 471 33.19 -12.71 0.39
N TRP A 472 33.00 -11.39 0.45
CA TRP A 472 31.72 -10.82 0.04
C TRP A 472 31.49 -11.00 -1.46
N MET A 473 32.50 -10.69 -2.27
CA MET A 473 32.37 -10.84 -3.72
C MET A 473 32.76 -12.22 -4.22
N GLN A 474 33.27 -13.08 -3.35
CA GLN A 474 33.52 -14.46 -3.71
C GLN A 474 32.26 -15.31 -3.54
N LYS A 475 31.52 -15.11 -2.45
CA LYS A 475 30.27 -15.82 -2.24
C LYS A 475 29.09 -15.18 -2.98
N TRP A 476 29.24 -13.94 -3.45
CA TRP A 476 28.18 -13.34 -4.24
C TRP A 476 28.08 -13.99 -5.62
N TRP A 477 29.22 -14.29 -6.24
CA TRP A 477 29.22 -14.91 -7.56
C TRP A 477 29.18 -16.43 -7.50
N GLU A 478 29.67 -17.04 -6.41
CA GLU A 478 29.51 -18.47 -6.26
C GLU A 478 28.04 -18.86 -6.16
N MET A 479 27.26 -18.06 -5.42
CA MET A 479 25.83 -18.30 -5.34
C MET A 479 25.13 -18.00 -6.67
N LYS A 480 25.48 -16.89 -7.31
CA LYS A 480 24.82 -16.51 -8.54
C LYS A 480 25.11 -17.51 -9.66
N ARG A 481 26.35 -17.98 -9.76
CA ARG A 481 26.67 -19.00 -10.76
C ARG A 481 26.05 -20.35 -10.42
N GLU A 482 25.64 -20.56 -9.18
CA GLU A 482 25.02 -21.80 -8.75
C GLU A 482 23.50 -21.71 -8.70
N ILE A 483 22.96 -20.66 -8.08
CA ILE A 483 21.52 -20.54 -7.93
C ILE A 483 20.90 -19.90 -9.17
N VAL A 484 21.42 -18.75 -9.58
CA VAL A 484 20.83 -18.02 -10.70
C VAL A 484 21.25 -18.61 -12.04
N GLY A 485 22.47 -19.12 -12.13
CA GLY A 485 23.00 -19.55 -13.41
C GLY A 485 23.63 -18.43 -14.22
N VAL A 486 24.09 -17.36 -13.57
CA VAL A 486 24.66 -16.20 -14.23
C VAL A 486 26.13 -16.11 -13.86
N VAL A 487 26.99 -15.97 -14.86
CA VAL A 487 28.43 -15.97 -14.69
C VAL A 487 28.94 -14.55 -14.80
N GLU A 488 30.09 -14.30 -14.17
CA GLU A 488 30.67 -12.96 -14.20
C GLU A 488 31.14 -12.62 -15.61
N PRO A 489 30.69 -11.49 -16.18
CA PRO A 489 31.30 -11.04 -17.44
C PRO A 489 32.79 -10.75 -17.29
N LEU A 490 33.20 -10.22 -16.14
CA LEU A 490 34.58 -9.91 -15.83
C LEU A 490 34.86 -10.31 -14.39
N PRO A 491 36.11 -10.64 -14.06
CA PRO A 491 36.42 -11.00 -12.67
C PRO A 491 36.36 -9.78 -11.76
N HIS A 492 35.62 -9.91 -10.65
CA HIS A 492 35.47 -8.84 -9.68
C HIS A 492 36.10 -9.25 -8.36
N ASP A 493 36.97 -8.38 -7.84
CA ASP A 493 37.63 -8.63 -6.57
C ASP A 493 36.81 -8.02 -5.43
N GLU A 494 37.40 -7.97 -4.23
CA GLU A 494 36.68 -7.49 -3.06
C GLU A 494 36.37 -5.99 -3.15
N THR A 495 37.13 -5.25 -3.97
CA THR A 495 36.92 -3.81 -4.07
C THR A 495 35.52 -3.49 -4.55
N TYR A 496 35.03 -4.24 -5.55
CA TYR A 496 33.68 -4.02 -6.04
C TYR A 496 32.64 -4.43 -5.00
N CYS A 497 31.44 -3.86 -5.12
CA CYS A 497 30.27 -4.29 -4.37
C CYS A 497 29.13 -4.36 -5.38
N ASP A 498 29.01 -5.51 -6.05
CA ASP A 498 28.00 -5.65 -7.10
C ASP A 498 26.57 -5.56 -6.56
N PRO A 499 26.19 -6.25 -5.48
CA PRO A 499 24.80 -6.13 -5.00
C PRO A 499 24.41 -4.72 -4.61
N ALA A 500 25.34 -3.93 -4.07
CA ALA A 500 25.01 -2.58 -3.65
C ALA A 500 24.61 -1.68 -4.81
N CYS A 501 24.97 -2.06 -6.04
CA CYS A 501 24.57 -1.28 -7.20
C CYS A 501 23.07 -1.30 -7.44
N LEU A 502 22.37 -2.32 -6.94
CA LEU A 502 20.93 -2.36 -7.07
C LEU A 502 20.28 -1.30 -6.17
N PHE A 503 19.12 -0.81 -6.61
CA PHE A 503 18.45 0.27 -5.88
C PHE A 503 18.05 -0.17 -4.48
N HIS A 504 17.49 -1.37 -4.34
CA HIS A 504 16.96 -1.81 -3.05
C HIS A 504 18.08 -2.05 -2.04
N VAL A 505 19.20 -2.63 -2.50
CA VAL A 505 20.29 -2.96 -1.58
C VAL A 505 20.91 -1.69 -1.01
N ALA A 506 21.07 -0.66 -1.84
CA ALA A 506 21.78 0.54 -1.42
C ALA A 506 20.94 1.49 -0.59
N GLU A 507 19.63 1.27 -0.47
CA GLU A 507 18.76 2.17 0.27
C GLU A 507 18.01 1.45 1.39
N ASP A 508 18.58 0.36 1.89
CA ASP A 508 18.06 -0.35 3.06
C ASP A 508 16.61 -0.77 2.86
N TYR A 509 16.36 -1.48 1.77
CA TYR A 509 15.04 -2.02 1.48
C TYR A 509 15.13 -3.54 1.40
N SER A 510 14.12 -4.21 1.96
CA SER A 510 14.06 -5.66 1.90
C SER A 510 13.78 -6.12 0.47
N PHE A 511 14.26 -7.32 0.14
CA PHE A 511 14.08 -7.87 -1.19
C PHE A 511 13.41 -9.23 -1.19
N ILE A 512 13.09 -9.80 -0.02
CA ILE A 512 12.28 -11.01 0.03
C ILE A 512 10.81 -10.71 -0.15
N ARG A 513 10.45 -9.42 -0.21
CA ARG A 513 9.08 -9.03 -0.54
C ARG A 513 8.70 -9.45 -1.95
N TYR A 514 9.65 -9.37 -2.89
CA TYR A 514 9.38 -9.70 -4.29
C TYR A 514 9.45 -11.18 -4.58
N TYR A 515 9.88 -12.00 -3.62
CA TYR A 515 9.86 -13.45 -3.79
C TYR A 515 8.56 -14.05 -3.26
N THR A 516 8.14 -13.63 -2.07
CA THR A 516 6.87 -14.09 -1.53
C THR A 516 5.70 -13.53 -2.31
N ARG A 517 5.84 -12.34 -2.89
CA ARG A 517 4.79 -11.77 -3.71
C ARG A 517 4.46 -12.66 -4.89
N THR A 518 5.48 -13.16 -5.58
CA THR A 518 5.26 -14.02 -6.73
C THR A 518 4.58 -15.33 -6.34
N ILE A 519 4.95 -15.87 -5.17
CA ILE A 519 4.30 -17.10 -4.70
C ILE A 519 2.85 -16.83 -4.34
N TYR A 520 2.57 -15.68 -3.72
CA TYR A 520 1.20 -15.32 -3.37
C TYR A 520 0.39 -14.91 -4.58
N GLN A 521 1.03 -14.51 -5.68
CA GLN A 521 0.30 -14.11 -6.87
C GLN A 521 -0.60 -15.23 -7.37
N PHE A 522 -0.05 -16.44 -7.49
CA PHE A 522 -0.77 -17.54 -8.10
C PHE A 522 -1.56 -18.37 -7.09
N GLN A 523 -1.21 -18.30 -5.80
CA GLN A 523 -2.08 -18.88 -4.79
C GLN A 523 -3.41 -18.14 -4.73
N PHE A 524 -3.36 -16.81 -4.83
CA PHE A 524 -4.59 -16.03 -4.95
C PHE A 524 -5.26 -16.26 -6.30
N HIS A 525 -4.47 -16.25 -7.37
CA HIS A 525 -5.03 -16.35 -8.71
C HIS A 525 -5.73 -17.69 -8.92
N GLU A 526 -5.09 -18.79 -8.52
CA GLU A 526 -5.71 -20.11 -8.68
C GLU A 526 -6.97 -20.22 -7.83
N ALA A 527 -6.93 -19.72 -6.60
CA ALA A 527 -8.10 -19.81 -5.72
C ALA A 527 -9.28 -19.05 -6.28
N LEU A 528 -9.04 -17.84 -6.80
CA LEU A 528 -10.12 -17.05 -7.39
C LEU A 528 -10.67 -17.71 -8.65
N CYS A 529 -9.78 -18.26 -9.48
CA CYS A 529 -10.24 -18.91 -10.72
C CYS A 529 -11.02 -20.18 -10.43
N GLN A 530 -10.64 -20.92 -9.39
CA GLN A 530 -11.43 -22.08 -8.97
C GLN A 530 -12.82 -21.64 -8.51
N THR A 531 -12.90 -20.55 -7.77
CA THR A 531 -14.20 -20.01 -7.36
C THR A 531 -14.96 -19.38 -8.52
N ALA A 532 -14.27 -19.04 -9.60
CA ALA A 532 -14.89 -18.45 -10.78
C ALA A 532 -15.40 -19.49 -11.75
N LYS A 533 -15.34 -20.78 -11.39
CA LYS A 533 -15.80 -21.87 -12.25
C LYS A 533 -15.08 -21.86 -13.60
N HIS A 534 -13.78 -21.58 -13.57
CA HIS A 534 -12.99 -21.55 -14.80
C HIS A 534 -12.78 -22.96 -15.31
N GLU A 535 -13.12 -23.19 -16.58
CA GLU A 535 -13.02 -24.50 -17.21
C GLU A 535 -11.94 -24.43 -18.27
N GLY A 536 -10.71 -24.79 -17.90
CA GLY A 536 -9.61 -24.80 -18.82
C GLY A 536 -8.28 -24.47 -18.17
N PRO A 537 -7.33 -24.01 -18.97
CA PRO A 537 -6.01 -23.66 -18.44
C PRO A 537 -6.07 -22.43 -17.54
N LEU A 538 -5.09 -22.33 -16.66
CA LEU A 538 -5.08 -21.29 -15.63
C LEU A 538 -4.54 -19.96 -16.13
N TYR A 539 -3.95 -19.90 -17.32
CA TYR A 539 -3.48 -18.63 -17.86
C TYR A 539 -4.52 -17.91 -18.70
N LYS A 540 -5.60 -18.59 -19.09
CA LYS A 540 -6.71 -17.96 -19.79
C LYS A 540 -7.81 -17.51 -18.84
N CYS A 541 -7.62 -17.68 -17.54
CA CYS A 541 -8.65 -17.31 -16.57
C CYS A 541 -8.82 -15.80 -16.51
N ASP A 542 -10.07 -15.35 -16.56
CA ASP A 542 -10.43 -13.94 -16.45
C ASP A 542 -11.52 -13.82 -15.40
N ILE A 543 -11.17 -13.31 -14.21
CA ILE A 543 -12.08 -13.27 -13.08
C ILE A 543 -13.11 -12.16 -13.27
N SER A 544 -13.04 -11.45 -14.38
CA SER A 544 -14.00 -10.39 -14.65
C SER A 544 -15.40 -10.95 -14.77
N ASN A 545 -16.39 -10.13 -14.41
CA ASN A 545 -17.81 -10.45 -14.42
C ASN A 545 -18.17 -11.57 -13.45
N SER A 546 -17.26 -11.95 -12.55
CA SER A 546 -17.50 -12.98 -11.56
C SER A 546 -17.53 -12.34 -10.19
N THR A 547 -18.68 -12.40 -9.52
CA THR A 547 -18.82 -11.82 -8.19
C THR A 547 -18.44 -12.79 -7.08
N GLU A 548 -18.20 -14.06 -7.39
CA GLU A 548 -17.75 -15.01 -6.40
C GLU A 548 -16.24 -15.02 -6.23
N ALA A 549 -15.51 -14.30 -7.09
CA ALA A 549 -14.08 -14.10 -6.94
C ALA A 549 -13.74 -12.75 -6.32
N GLY A 550 -14.75 -11.95 -5.99
CA GLY A 550 -14.54 -10.69 -5.31
C GLY A 550 -15.12 -10.72 -3.91
N GLN A 551 -15.90 -11.74 -3.62
CA GLN A 551 -16.40 -12.00 -2.28
C GLN A 551 -15.51 -12.95 -1.50
N ARG A 552 -14.53 -13.57 -2.16
CA ARG A 552 -13.53 -14.40 -1.49
C ARG A 552 -12.18 -13.70 -1.41
N LEU A 553 -11.85 -12.85 -2.39
CA LEU A 553 -10.67 -12.02 -2.29
C LEU A 553 -10.83 -10.96 -1.21
N LEU A 554 -12.04 -10.42 -1.03
CA LEU A 554 -12.30 -9.38 -0.05
C LEU A 554 -12.36 -9.92 1.37
N GLN A 555 -12.38 -11.24 1.55
CA GLN A 555 -12.29 -11.81 2.89
C GLN A 555 -10.88 -11.78 3.46
N MET A 556 -9.88 -11.54 2.61
CA MET A 556 -8.50 -11.32 3.04
C MET A 556 -8.12 -9.84 2.98
N LEU A 557 -8.73 -9.08 2.08
CA LEU A 557 -8.47 -7.65 1.99
C LEU A 557 -8.94 -6.91 3.24
N HIS A 558 -10.13 -7.28 3.75
CA HIS A 558 -10.67 -6.59 4.91
C HIS A 558 -9.82 -6.80 6.16
N LEU A 559 -9.16 -7.95 6.26
CA LEU A 559 -8.42 -8.27 7.47
C LEU A 559 -7.28 -7.29 7.70
N GLY A 560 -6.58 -6.90 6.65
CA GLY A 560 -5.41 -6.05 6.80
C GLY A 560 -4.36 -6.74 7.64
N LYS A 561 -3.82 -6.02 8.62
CA LYS A 561 -2.81 -6.55 9.52
C LYS A 561 -3.39 -6.98 10.86
N SER A 562 -4.71 -7.00 10.99
CA SER A 562 -5.33 -7.35 12.26
C SER A 562 -5.11 -8.82 12.60
N GLU A 563 -5.10 -9.69 11.58
CA GLU A 563 -4.96 -11.11 11.78
C GLU A 563 -3.67 -11.61 11.13
N PRO A 564 -3.10 -12.72 11.62
CA PRO A 564 -1.84 -13.21 11.08
C PRO A 564 -1.96 -13.55 9.61
N TRP A 565 -0.86 -13.32 8.86
CA TRP A 565 -0.88 -13.55 7.42
C TRP A 565 -1.15 -15.02 7.10
N THR A 566 -0.78 -15.93 8.00
CA THR A 566 -1.10 -17.34 7.80
C THR A 566 -2.61 -17.56 7.80
N LEU A 567 -3.32 -16.90 8.71
CA LEU A 567 -4.77 -17.02 8.73
C LEU A 567 -5.40 -16.30 7.55
N ALA A 568 -4.86 -15.13 7.18
CA ALA A 568 -5.38 -14.41 6.02
C ALA A 568 -5.16 -15.20 4.74
N LEU A 569 -4.03 -15.89 4.63
CA LEU A 569 -3.77 -16.71 3.45
C LEU A 569 -4.75 -17.86 3.34
N GLU A 570 -5.10 -18.48 4.47
CA GLU A 570 -6.03 -19.61 4.44
C GLU A 570 -7.45 -19.17 4.09
N ASN A 571 -7.81 -17.93 4.39
CA ASN A 571 -9.16 -17.45 4.11
C ASN A 571 -9.44 -17.45 2.60
N ILE A 572 -8.47 -17.04 1.80
CA ILE A 572 -8.64 -16.95 0.36
C ILE A 572 -8.13 -18.19 -0.37
N VAL A 573 -6.97 -18.69 0.01
CA VAL A 573 -6.37 -19.84 -0.67
C VAL A 573 -6.86 -21.16 -0.09
N GLY A 574 -6.79 -21.30 1.24
CA GLY A 574 -7.17 -22.54 1.91
C GLY A 574 -6.03 -23.25 2.61
N VAL A 575 -4.80 -22.73 2.53
CA VAL A 575 -3.65 -23.32 3.21
C VAL A 575 -2.93 -22.22 3.98
N LYS A 576 -2.22 -22.64 5.03
CA LYS A 576 -1.51 -21.72 5.90
C LYS A 576 -0.03 -21.58 5.55
N THR A 577 0.43 -22.21 4.48
CA THR A 577 1.84 -22.24 4.14
C THR A 577 2.06 -21.71 2.73
N MET A 578 3.23 -21.12 2.52
CA MET A 578 3.63 -20.68 1.19
C MET A 578 3.74 -21.89 0.26
N ASP A 579 3.02 -21.83 -0.86
CA ASP A 579 2.96 -22.96 -1.78
C ASP A 579 3.22 -22.47 -3.20
N VAL A 580 4.14 -23.14 -3.89
CA VAL A 580 4.49 -22.79 -5.26
C VAL A 580 3.80 -23.69 -6.28
N LYS A 581 2.96 -24.62 -5.82
CA LYS A 581 2.22 -25.48 -6.75
C LYS A 581 1.34 -24.69 -7.71
N PRO A 582 0.57 -23.69 -7.29
CA PRO A 582 -0.20 -22.91 -8.27
C PRO A 582 0.67 -22.21 -9.31
N LEU A 583 1.88 -21.78 -8.95
CA LEU A 583 2.75 -21.13 -9.92
C LEU A 583 3.13 -22.09 -11.05
N LEU A 584 3.42 -23.35 -10.70
CA LEU A 584 3.79 -24.33 -11.72
C LEU A 584 2.60 -24.67 -12.62
N ASN A 585 1.39 -24.70 -12.06
CA ASN A 585 0.21 -24.96 -12.88
C ASN A 585 -0.01 -23.86 -13.91
N TYR A 586 0.27 -22.61 -13.54
CA TYR A 586 0.13 -21.51 -14.49
C TYR A 586 1.08 -21.67 -15.67
N PHE A 587 2.32 -22.08 -15.41
CA PHE A 587 3.32 -22.26 -16.45
C PHE A 587 3.43 -23.70 -16.93
N GLU A 588 2.51 -24.57 -16.51
CA GLU A 588 2.54 -25.95 -16.97
C GLU A 588 2.40 -26.08 -18.48
N PRO A 589 1.47 -25.39 -19.16
CA PRO A 589 1.46 -25.46 -20.63
C PRO A 589 2.75 -24.98 -21.27
N LEU A 590 3.42 -24.00 -20.67
CA LEU A 590 4.69 -23.54 -21.20
C LEU A 590 5.80 -24.57 -20.96
N LEU A 591 5.77 -25.23 -19.80
CA LEU A 591 6.82 -26.20 -19.48
C LEU A 591 6.81 -27.37 -20.46
N THR A 592 5.61 -27.82 -20.86
CA THR A 592 5.53 -28.89 -21.84
C THR A 592 6.16 -28.47 -23.16
N TRP A 593 5.90 -27.24 -23.61
CA TRP A 593 6.54 -26.74 -24.81
C TRP A 593 8.04 -26.55 -24.60
N LEU A 594 8.45 -26.09 -23.41
CA LEU A 594 9.86 -25.89 -23.14
C LEU A 594 10.62 -27.21 -23.09
N LYS A 595 9.96 -28.29 -22.68
CA LYS A 595 10.61 -29.60 -22.63
C LYS A 595 10.65 -30.29 -23.98
N GLU A 596 10.01 -29.71 -25.00
CA GLU A 596 10.11 -30.22 -26.36
C GLU A 596 10.99 -29.36 -27.25
N GLN A 597 11.31 -28.14 -26.84
CA GLN A 597 12.23 -27.28 -27.56
C GLN A 597 13.66 -27.38 -27.03
N ASN A 598 13.87 -28.02 -25.88
CA ASN A 598 15.20 -28.21 -25.32
C ASN A 598 15.70 -29.64 -25.46
N ARG A 599 15.06 -30.44 -26.31
CA ARG A 599 15.49 -31.82 -26.50
C ARG A 599 16.87 -31.89 -27.14
N ASN A 600 17.15 -30.98 -28.06
CA ASN A 600 18.41 -30.97 -28.79
C ASN A 600 19.43 -30.01 -28.18
N SER A 601 19.16 -29.46 -27.01
CA SER A 601 20.07 -28.54 -26.33
C SER A 601 20.28 -28.98 -24.90
N PRO A 602 21.46 -28.72 -24.34
CA PRO A 602 21.73 -29.11 -22.95
C PRO A 602 20.87 -28.32 -21.97
N VAL A 603 20.53 -28.98 -20.86
CA VAL A 603 19.78 -28.36 -19.78
C VAL A 603 20.66 -28.35 -18.54
N GLY A 604 20.83 -27.18 -17.95
CA GLY A 604 21.72 -26.98 -16.83
C GLY A 604 22.94 -26.15 -17.22
N TRP A 605 23.64 -25.69 -16.18
CA TRP A 605 24.79 -24.82 -16.36
C TRP A 605 25.97 -25.34 -15.56
N SER A 606 27.17 -25.12 -16.10
CA SER A 606 28.42 -25.51 -15.45
C SER A 606 29.10 -24.27 -14.88
N THR A 607 29.44 -24.34 -13.59
CA THR A 607 30.07 -23.20 -12.93
C THR A 607 31.50 -22.98 -13.40
N ASP A 608 32.15 -24.00 -13.96
CA ASP A 608 33.55 -23.88 -14.34
C ASP A 608 33.76 -22.84 -15.44
N TRP A 609 32.89 -22.83 -16.44
CA TRP A 609 33.08 -21.94 -17.58
C TRP A 609 32.90 -20.48 -17.18
N THR A 610 33.82 -19.64 -17.66
CA THR A 610 33.77 -18.20 -17.45
C THR A 610 34.13 -17.49 -18.74
N PRO A 611 33.44 -16.41 -19.08
CA PRO A 611 33.76 -15.69 -20.33
C PRO A 611 35.17 -15.12 -20.36
N TYR A 612 35.71 -14.72 -19.20
CA TYR A 612 37.04 -14.10 -19.15
C TYR A 612 38.16 -15.13 -19.14
N SER A 613 37.84 -16.43 -19.09
CA SER A 613 38.89 -17.45 -19.06
C SER A 613 39.72 -17.43 -20.33
N ASP A 614 39.06 -17.27 -21.49
CA ASP A 614 39.76 -17.24 -22.76
C ASP A 614 40.48 -15.90 -22.96
N THR B 1 -42.60 39.00 11.10
CA THR B 1 -42.61 39.15 12.56
C THR B 1 -42.64 37.78 13.24
N ASN B 2 -43.42 36.86 12.67
CA ASN B 2 -43.54 35.51 13.20
C ASN B 2 -42.68 34.50 12.43
N LEU B 3 -41.79 34.98 11.57
CA LEU B 3 -40.92 34.09 10.81
C LEU B 3 -40.00 33.33 11.75
N CYS B 4 -39.81 32.05 11.47
CA CYS B 4 -38.98 31.21 12.33
C CYS B 4 -37.51 31.45 12.03
N PRO B 5 -36.70 31.81 13.04
CA PRO B 5 -35.28 32.06 12.78
C PRO B 5 -34.48 30.80 12.49
N PHE B 6 -34.92 30.02 11.50
CA PHE B 6 -34.14 28.87 11.07
C PHE B 6 -32.85 29.30 10.41
N GLY B 7 -32.88 30.41 9.65
CA GLY B 7 -31.68 30.88 8.98
C GLY B 7 -30.56 31.24 9.93
N GLU B 8 -30.90 31.75 11.12
CA GLU B 8 -29.87 32.07 12.11
C GLU B 8 -29.16 30.82 12.60
N VAL B 9 -29.90 29.73 12.81
CA VAL B 9 -29.29 28.52 13.35
C VAL B 9 -28.81 27.59 12.23
N PHE B 10 -29.54 27.51 11.11
CA PHE B 10 -29.15 26.62 10.02
C PHE B 10 -28.11 27.24 9.09
N ASN B 11 -27.87 28.54 9.17
CA ASN B 11 -26.92 29.18 8.25
C ASN B 11 -25.99 30.12 9.00
N ALA B 12 -25.61 29.76 10.23
CA ALA B 12 -24.66 30.57 10.98
C ALA B 12 -23.28 30.51 10.32
N THR B 13 -22.52 31.60 10.49
CA THR B 13 -21.19 31.67 9.91
C THR B 13 -20.26 30.62 10.51
N ARG B 14 -20.38 30.38 11.82
CA ARG B 14 -19.52 29.45 12.52
C ARG B 14 -20.34 28.63 13.51
N PHE B 15 -20.21 27.32 13.45
CA PHE B 15 -20.88 26.43 14.38
C PHE B 15 -20.02 26.18 15.62
N ALA B 16 -20.59 25.51 16.60
CA ALA B 16 -19.92 25.22 17.86
C ALA B 16 -19.35 23.81 17.85
N SER B 17 -18.46 23.55 18.81
CA SER B 17 -17.84 22.24 18.94
C SER B 17 -18.86 21.18 19.35
N VAL B 18 -18.49 19.92 19.15
CA VAL B 18 -19.40 18.82 19.41
C VAL B 18 -19.74 18.75 20.90
N TYR B 19 -18.72 18.80 21.75
CA TYR B 19 -18.96 18.73 23.19
C TYR B 19 -19.69 19.97 23.68
N ALA B 20 -19.31 21.15 23.18
CA ALA B 20 -19.96 22.40 23.55
C ALA B 20 -21.05 22.75 22.53
N TRP B 21 -21.98 21.81 22.37
CA TRP B 21 -23.06 21.99 21.40
C TRP B 21 -24.01 23.07 21.86
N ASN B 22 -24.30 24.02 20.97
CA ASN B 22 -25.16 25.13 21.29
C ASN B 22 -26.63 24.70 21.30
N ARG B 23 -27.37 25.21 22.29
CA ARG B 23 -28.81 24.99 22.39
C ARG B 23 -29.52 26.32 22.30
N LYS B 24 -30.49 26.41 21.38
CA LYS B 24 -31.29 27.62 21.18
C LYS B 24 -32.76 27.26 21.26
N ARG B 25 -33.48 27.93 22.16
CA ARG B 25 -34.91 27.72 22.35
C ARG B 25 -35.65 28.82 21.59
N ILE B 26 -36.37 28.42 20.54
CA ILE B 26 -37.00 29.36 19.61
C ILE B 26 -38.51 29.29 19.80
N SER B 27 -39.14 30.46 19.92
CA SER B 27 -40.58 30.58 20.12
C SER B 27 -41.19 31.45 19.05
N ASN B 28 -42.52 31.36 18.92
CA ASN B 28 -43.30 32.12 17.94
C ASN B 28 -42.79 31.86 16.52
N CYS B 29 -42.87 30.59 16.14
CA CYS B 29 -42.34 30.10 14.87
C CYS B 29 -43.47 29.61 13.98
N VAL B 30 -43.57 30.19 12.79
CA VAL B 30 -44.39 29.63 11.71
C VAL B 30 -43.40 28.90 10.81
N ALA B 31 -43.21 27.61 11.07
CA ALA B 31 -42.13 26.86 10.47
C ALA B 31 -42.54 26.27 9.13
N ASP B 32 -41.75 26.56 8.10
CA ASP B 32 -41.93 25.96 6.77
C ASP B 32 -41.13 24.66 6.75
N TYR B 33 -41.76 23.57 7.20
CA TYR B 33 -41.09 22.28 7.19
C TYR B 33 -40.80 21.82 5.77
N SER B 34 -41.53 22.32 4.79
CA SER B 34 -41.32 21.90 3.40
C SER B 34 -39.95 22.29 2.89
N VAL B 35 -39.50 23.52 3.18
CA VAL B 35 -38.23 23.98 2.65
C VAL B 35 -37.07 23.19 3.26
N LEU B 36 -37.19 22.80 4.53
CA LEU B 36 -36.21 21.90 5.12
C LEU B 36 -36.27 20.52 4.46
N TYR B 37 -37.49 20.03 4.20
CA TYR B 37 -37.63 18.74 3.55
C TYR B 37 -37.21 18.80 2.08
N ASN B 38 -37.49 19.91 1.41
CA ASN B 38 -37.18 20.09 0.00
C ASN B 38 -35.89 20.89 -0.22
N SER B 39 -35.01 20.94 0.77
CA SER B 39 -33.77 21.70 0.62
C SER B 39 -32.90 21.14 -0.49
N ALA B 40 -32.93 19.81 -0.68
CA ALA B 40 -32.13 19.14 -1.71
C ALA B 40 -30.63 19.40 -1.55
N SER B 41 -30.20 19.69 -0.32
CA SER B 41 -28.80 19.91 -0.04
C SER B 41 -28.37 19.27 1.28
N PHE B 42 -29.19 18.42 1.88
CA PHE B 42 -28.88 17.76 3.14
C PHE B 42 -28.41 16.34 2.85
N SER B 43 -27.18 16.03 3.25
CA SER B 43 -26.63 14.70 2.99
C SER B 43 -27.41 13.62 3.72
N THR B 44 -27.74 13.85 4.98
CA THR B 44 -28.48 12.89 5.80
C THR B 44 -29.70 13.56 6.38
N PHE B 45 -30.88 12.99 6.12
CA PHE B 45 -32.15 13.50 6.65
C PHE B 45 -32.94 12.30 7.16
N LYS B 46 -32.75 11.97 8.44
CA LYS B 46 -33.45 10.87 9.09
C LYS B 46 -34.30 11.44 10.23
N CYS B 47 -35.58 11.11 10.22
CA CYS B 47 -36.54 11.62 11.20
C CYS B 47 -37.07 10.46 12.02
N TYR B 48 -37.06 10.60 13.34
CA TYR B 48 -37.45 9.53 14.26
C TYR B 48 -38.77 9.89 14.92
N GLY B 49 -39.77 9.03 14.76
CA GLY B 49 -41.07 9.25 15.34
C GLY B 49 -42.00 10.14 14.54
N VAL B 50 -41.52 10.73 13.44
CA VAL B 50 -42.34 11.59 12.59
C VAL B 50 -42.13 11.15 11.15
N SER B 51 -43.22 10.94 10.43
CA SER B 51 -43.15 10.52 9.04
C SER B 51 -42.58 11.64 8.17
N PRO B 52 -41.99 11.30 7.03
CA PRO B 52 -41.51 12.35 6.11
C PRO B 52 -42.61 13.24 5.57
N THR B 53 -43.87 12.83 5.67
CA THR B 53 -44.98 13.66 5.24
C THR B 53 -45.04 14.94 6.08
N LYS B 54 -45.93 15.84 5.68
CA LYS B 54 -46.02 17.15 6.31
C LYS B 54 -46.32 17.03 7.80
N LEU B 55 -47.39 16.31 8.15
CA LEU B 55 -47.80 16.10 9.54
C LEU B 55 -47.90 17.42 10.30
N ASN B 56 -48.47 18.44 9.65
CA ASN B 56 -48.59 19.76 10.26
C ASN B 56 -49.80 19.88 11.18
N ASP B 57 -50.65 18.86 11.24
CA ASP B 57 -51.83 18.93 12.10
C ASP B 57 -51.43 19.02 13.57
N LEU B 58 -50.46 18.23 13.99
CA LEU B 58 -50.04 18.22 15.39
C LEU B 58 -49.29 19.50 15.75
N CYS B 59 -49.48 19.94 16.99
CA CYS B 59 -48.73 21.05 17.55
C CYS B 59 -47.87 20.56 18.71
N PHE B 60 -46.77 21.27 18.95
CA PHE B 60 -45.82 20.92 19.99
C PHE B 60 -45.63 22.08 20.94
N THR B 61 -45.27 21.76 22.18
CA THR B 61 -45.06 22.80 23.20
C THR B 61 -43.89 23.70 22.82
N ASN B 62 -42.76 23.10 22.45
CA ASN B 62 -41.58 23.88 22.07
C ASN B 62 -40.67 23.00 21.24
N VAL B 63 -39.78 23.65 20.48
CA VAL B 63 -38.82 22.98 19.62
C VAL B 63 -37.42 23.43 20.00
N TYR B 64 -36.50 22.47 20.12
CA TYR B 64 -35.11 22.73 20.47
C TYR B 64 -34.21 22.37 19.29
N ALA B 65 -33.20 23.20 19.06
CA ALA B 65 -32.23 22.98 17.98
C ALA B 65 -30.83 22.91 18.56
N ASP B 66 -30.07 21.91 18.15
CA ASP B 66 -28.70 21.71 18.62
C ASP B 66 -27.75 21.72 17.43
N SER B 67 -26.61 22.39 17.61
CA SER B 67 -25.66 22.60 16.52
C SER B 67 -24.28 22.08 16.92
N PHE B 68 -23.61 21.43 15.97
CA PHE B 68 -22.27 20.90 16.16
C PHE B 68 -21.74 20.42 14.82
N VAL B 69 -20.43 20.21 14.75
CA VAL B 69 -19.76 19.76 13.52
C VAL B 69 -19.03 18.46 13.86
N ILE B 70 -19.70 17.34 13.65
CA ILE B 70 -19.10 16.01 13.78
C ILE B 70 -18.46 15.61 12.45
N ARG B 71 -17.62 14.58 12.47
CA ARG B 71 -17.07 14.04 11.24
C ARG B 71 -18.16 13.34 10.44
N GLY B 72 -17.84 13.06 9.17
CA GLY B 72 -18.82 12.45 8.29
C GLY B 72 -19.22 11.05 8.71
N ASP B 73 -18.25 10.22 9.08
CA ASP B 73 -18.54 8.85 9.49
C ASP B 73 -19.19 8.77 10.86
N GLU B 74 -19.19 9.86 11.63
CA GLU B 74 -19.75 9.87 12.97
C GLU B 74 -21.22 10.27 13.00
N VAL B 75 -21.82 10.58 11.85
CA VAL B 75 -23.24 10.91 11.80
C VAL B 75 -24.08 9.68 12.16
N ARG B 76 -23.63 8.50 11.76
CA ARG B 76 -24.34 7.26 12.11
C ARG B 76 -24.49 7.10 13.62
N GLN B 77 -23.51 7.58 14.40
CA GLN B 77 -23.55 7.41 15.84
C GLN B 77 -24.64 8.23 16.51
N ILE B 78 -25.28 9.14 15.80
CA ILE B 78 -26.29 9.98 16.42
C ILE B 78 -27.68 9.49 16.02
N ALA B 79 -28.26 8.64 16.87
CA ALA B 79 -29.57 8.06 16.68
C ALA B 79 -29.96 7.30 17.95
N PRO B 80 -31.24 7.04 18.16
CA PRO B 80 -31.65 6.29 19.36
C PRO B 80 -31.08 4.88 19.33
N GLY B 81 -30.38 4.51 20.40
CA GLY B 81 -29.79 3.19 20.55
C GLY B 81 -28.39 3.05 20.03
N GLN B 82 -27.85 4.06 19.35
CA GLN B 82 -26.50 3.98 18.81
C GLN B 82 -25.47 4.24 19.90
N THR B 83 -24.26 3.72 19.67
CA THR B 83 -23.14 3.86 20.59
C THR B 83 -21.90 4.29 19.83
N GLY B 84 -21.02 5.01 20.51
CA GLY B 84 -19.79 5.48 19.91
C GLY B 84 -19.20 6.60 20.74
N LYS B 85 -18.06 7.10 20.27
CA LYS B 85 -17.39 8.18 20.98
C LYS B 85 -18.25 9.44 21.02
N ILE B 86 -18.90 9.77 19.90
CA ILE B 86 -19.78 10.94 19.87
C ILE B 86 -21.04 10.67 20.69
N ALA B 87 -21.63 9.49 20.54
CA ALA B 87 -22.90 9.20 21.21
C ALA B 87 -22.71 9.04 22.72
N ASP B 88 -21.70 8.28 23.13
CA ASP B 88 -21.55 7.96 24.55
C ASP B 88 -20.98 9.14 25.33
N TYR B 89 -20.06 9.89 24.73
CA TYR B 89 -19.31 10.90 25.46
C TYR B 89 -19.66 12.35 25.12
N ASN B 90 -20.20 12.60 23.92
CA ASN B 90 -20.43 13.97 23.48
C ASN B 90 -21.90 14.33 23.38
N TYR B 91 -22.70 13.56 22.65
CA TYR B 91 -24.11 13.89 22.46
C TYR B 91 -24.90 12.59 22.37
N LYS B 92 -25.74 12.33 23.36
CA LYS B 92 -26.50 11.10 23.46
C LYS B 92 -27.98 11.39 23.26
N LEU B 93 -28.64 10.56 22.45
CA LEU B 93 -30.06 10.68 22.22
C LEU B 93 -30.80 9.56 22.95
N PRO B 94 -31.86 9.89 23.69
CA PRO B 94 -32.59 8.85 24.42
C PRO B 94 -33.29 7.88 23.47
N ASP B 95 -33.53 6.66 23.97
CA ASP B 95 -34.23 5.66 23.18
C ASP B 95 -35.64 6.12 22.82
N ASP B 96 -36.27 6.92 23.68
CA ASP B 96 -37.60 7.47 23.43
C ASP B 96 -37.54 8.86 22.82
N PHE B 97 -36.47 9.20 22.11
CA PHE B 97 -36.35 10.52 21.50
C PHE B 97 -37.39 10.70 20.39
N THR B 98 -38.05 11.84 20.40
CA THR B 98 -39.02 12.21 19.36
C THR B 98 -38.54 13.50 18.71
N GLY B 99 -38.12 13.41 17.46
CA GLY B 99 -37.62 14.58 16.77
C GLY B 99 -37.11 14.22 15.38
N CYS B 100 -36.48 15.22 14.75
CA CYS B 100 -35.96 15.10 13.40
C CYS B 100 -34.49 15.47 13.41
N VAL B 101 -33.68 14.71 12.68
CA VAL B 101 -32.24 14.92 12.61
C VAL B 101 -31.90 15.36 11.19
N ILE B 102 -31.18 16.48 11.08
CA ILE B 102 -30.81 17.05 9.80
C ILE B 102 -29.30 17.19 9.76
N ALA B 103 -28.68 16.66 8.70
CA ALA B 103 -27.25 16.74 8.51
C ALA B 103 -26.94 17.05 7.07
N TRP B 104 -25.82 17.75 6.85
CA TRP B 104 -25.36 18.09 5.50
C TRP B 104 -23.86 18.27 5.54
N ASN B 105 -23.22 17.96 4.41
CA ASN B 105 -21.78 18.11 4.32
C ASN B 105 -21.38 19.57 4.47
N SER B 106 -20.23 19.80 5.11
CA SER B 106 -19.77 21.15 5.40
C SER B 106 -18.37 21.40 4.85
N ASN B 107 -17.95 20.62 3.86
CA ASN B 107 -16.66 20.87 3.24
C ASN B 107 -16.67 22.20 2.51
N ASN B 108 -15.51 22.86 2.47
CA ASN B 108 -15.29 24.21 1.96
C ASN B 108 -15.87 25.29 2.86
N LEU B 109 -16.58 24.91 3.93
CA LEU B 109 -17.08 25.85 4.93
C LEU B 109 -16.38 25.71 6.27
N ASP B 110 -16.17 24.48 6.74
CA ASP B 110 -15.45 24.21 7.98
C ASP B 110 -14.07 23.60 7.73
N SER B 111 -13.62 23.57 6.47
CA SER B 111 -12.34 22.98 6.11
C SER B 111 -11.46 24.02 5.44
N LYS B 112 -10.16 23.92 5.69
CA LYS B 112 -9.19 24.83 5.10
C LYS B 112 -7.86 24.10 4.93
N VAL B 113 -7.02 24.63 4.05
CA VAL B 113 -5.70 24.07 3.83
C VAL B 113 -4.88 24.19 5.11
N GLY B 114 -4.43 23.06 5.63
CA GLY B 114 -3.70 23.04 6.88
C GLY B 114 -4.46 22.35 7.99
N GLY B 115 -5.78 22.57 8.03
CA GLY B 115 -6.62 21.90 9.03
C GLY B 115 -7.31 22.91 9.92
N ASN B 116 -8.63 22.74 10.06
CA ASN B 116 -9.44 23.62 10.90
C ASN B 116 -9.60 22.94 12.27
N TYR B 117 -8.57 23.10 13.10
CA TYR B 117 -8.50 22.44 14.39
C TYR B 117 -9.33 23.15 15.47
N ASN B 118 -10.13 24.15 15.12
CA ASN B 118 -10.92 24.86 16.13
C ASN B 118 -11.92 23.93 16.80
N TYR B 119 -12.58 23.08 16.02
CA TYR B 119 -13.57 22.16 16.59
C TYR B 119 -12.91 21.12 17.46
N LEU B 120 -13.56 20.81 18.58
CA LEU B 120 -13.05 19.86 19.57
C LEU B 120 -14.12 18.86 19.93
N TYR B 121 -13.71 17.63 20.19
CA TYR B 121 -14.62 16.59 20.65
C TYR B 121 -14.02 15.90 21.88
N ARG B 122 -14.90 15.33 22.69
CA ARG B 122 -14.48 14.66 23.92
C ARG B 122 -14.21 13.19 23.62
N LEU B 123 -12.95 12.77 23.79
CA LEU B 123 -12.53 11.41 23.49
C LEU B 123 -12.57 10.50 24.71
N PHE B 124 -12.13 10.98 25.86
CA PHE B 124 -12.06 10.18 27.08
C PHE B 124 -13.01 10.75 28.12
N ARG B 125 -13.89 9.91 28.64
CA ARG B 125 -14.81 10.30 29.71
C ARG B 125 -14.92 9.16 30.70
N LYS B 126 -15.15 9.51 31.97
CA LYS B 126 -15.19 8.49 33.02
C LYS B 126 -16.42 7.59 32.89
N SER B 127 -17.54 8.13 32.40
CA SER B 127 -18.76 7.34 32.29
C SER B 127 -19.56 7.85 31.10
N ASN B 128 -20.53 7.04 30.68
CA ASN B 128 -21.37 7.39 29.54
C ASN B 128 -22.22 8.62 29.87
N LEU B 129 -22.32 9.52 28.89
CA LEU B 129 -23.10 10.74 29.07
C LEU B 129 -24.59 10.42 29.07
N LYS B 130 -25.33 11.11 29.93
CA LYS B 130 -26.77 10.94 29.97
C LYS B 130 -27.40 11.58 28.72
N PRO B 131 -28.59 11.13 28.33
CA PRO B 131 -29.29 11.77 27.20
C PRO B 131 -29.50 13.25 27.44
N PHE B 132 -29.24 14.04 26.39
CA PHE B 132 -29.39 15.50 26.39
C PHE B 132 -28.52 16.18 27.43
N GLU B 133 -27.44 15.54 27.87
CA GLU B 133 -26.50 16.14 28.80
C GLU B 133 -25.39 16.86 28.05
N ARG B 134 -24.80 17.85 28.72
CA ARG B 134 -23.70 18.62 28.16
C ARG B 134 -22.58 18.72 29.19
N ASP B 135 -21.34 18.56 28.73
CA ASP B 135 -20.17 18.67 29.60
C ASP B 135 -19.14 19.58 28.94
N ILE B 136 -18.60 20.52 29.72
CA ILE B 136 -17.54 21.40 29.27
C ILE B 136 -16.29 21.28 30.13
N SER B 137 -16.27 20.36 31.09
CA SER B 137 -15.13 20.24 32.01
C SER B 137 -13.87 19.85 31.26
N THR B 138 -12.75 20.47 31.66
CA THR B 138 -11.45 20.20 31.06
C THR B 138 -10.53 19.44 32.02
N GLU B 139 -11.10 18.73 32.99
CA GLU B 139 -10.30 17.97 33.94
C GLU B 139 -9.57 16.84 33.22
N ILE B 140 -8.31 16.63 33.60
CA ILE B 140 -7.49 15.62 32.96
C ILE B 140 -8.05 14.24 33.27
N TYR B 141 -8.26 13.44 32.23
CA TYR B 141 -8.78 12.10 32.42
C TYR B 141 -7.71 11.19 33.02
N GLN B 142 -8.09 10.42 34.04
CA GLN B 142 -7.18 9.53 34.73
C GLN B 142 -7.47 8.09 34.30
N ALA B 143 -6.51 7.48 33.60
CA ALA B 143 -6.65 6.09 33.18
C ALA B 143 -6.02 5.12 34.16
N GLY B 144 -4.94 5.51 34.82
CA GLY B 144 -4.27 4.68 35.79
C GLY B 144 -4.68 4.98 37.21
N SER B 145 -3.85 4.56 38.15
CA SER B 145 -4.08 4.78 39.58
C SER B 145 -3.05 5.74 40.16
N THR B 146 -2.67 6.77 39.39
CA THR B 146 -1.73 7.77 39.84
C THR B 146 -2.34 9.17 39.72
N PRO B 147 -2.04 10.07 40.64
CA PRO B 147 -2.61 11.42 40.56
C PRO B 147 -2.11 12.16 39.32
N CYS B 148 -3.06 12.68 38.54
CA CYS B 148 -2.71 13.46 37.35
C CYS B 148 -2.21 14.85 37.72
N ASN B 149 -2.78 15.45 38.77
CA ASN B 149 -2.39 16.77 39.25
C ASN B 149 -2.55 17.85 38.18
N GLY B 150 -3.52 17.68 37.30
CA GLY B 150 -3.82 18.69 36.31
C GLY B 150 -2.79 18.88 35.23
N VAL B 151 -1.95 17.88 34.97
CA VAL B 151 -0.94 17.95 33.93
C VAL B 151 -1.00 16.67 33.10
N GLU B 152 -0.78 16.81 31.79
CA GLU B 152 -0.79 15.67 30.89
C GLU B 152 0.42 14.79 31.15
N GLY B 153 0.19 13.60 31.70
CA GLY B 153 1.25 12.66 32.00
C GLY B 153 0.92 11.25 31.58
N PHE B 154 1.65 10.26 32.11
CA PHE B 154 1.37 8.87 31.82
C PHE B 154 -0.01 8.50 32.35
N ASN B 155 -0.83 7.90 31.49
CA ASN B 155 -2.23 7.55 31.78
C ASN B 155 -3.07 8.77 32.11
N CYS B 156 -2.58 9.98 31.84
CA CYS B 156 -3.32 11.22 32.10
C CYS B 156 -3.35 12.01 30.79
N TYR B 157 -4.48 11.94 30.08
CA TYR B 157 -4.63 12.60 28.80
C TYR B 157 -5.75 13.64 28.87
N PHE B 158 -5.58 14.72 28.12
CA PHE B 158 -6.62 15.73 28.05
C PHE B 158 -7.86 15.15 27.39
N PRO B 159 -9.04 15.25 28.00
CA PRO B 159 -10.23 14.62 27.41
C PRO B 159 -10.60 15.16 26.05
N LEU B 160 -10.37 16.45 25.79
CA LEU B 160 -10.76 17.07 24.55
C LEU B 160 -9.67 16.90 23.50
N GLN B 161 -10.08 16.56 22.27
CA GLN B 161 -9.18 16.40 21.14
C GLN B 161 -9.69 17.24 19.98
N SER B 162 -8.78 17.59 19.08
CA SER B 162 -9.07 18.53 18.00
C SER B 162 -9.30 17.78 16.70
N TYR B 163 -10.44 18.02 16.07
CA TYR B 163 -10.72 17.49 14.75
C TYR B 163 -9.70 18.01 13.74
N GLY B 164 -9.25 17.14 12.86
CA GLY B 164 -8.44 17.57 11.73
C GLY B 164 -9.25 17.61 10.45
N PHE B 165 -9.67 18.80 10.03
CA PHE B 165 -10.51 18.97 8.85
C PHE B 165 -9.69 19.56 7.72
N GLN B 166 -9.16 18.69 6.87
CA GLN B 166 -8.52 19.09 5.63
C GLN B 166 -9.54 19.15 4.51
N PRO B 167 -9.29 19.92 3.46
CA PRO B 167 -10.21 19.97 2.32
C PRO B 167 -10.05 18.82 1.33
N THR B 168 -9.10 17.92 1.57
CA THR B 168 -8.82 16.81 0.67
C THR B 168 -9.21 15.45 1.26
N ASN B 169 -9.79 15.42 2.45
CA ASN B 169 -10.15 14.16 3.07
C ASN B 169 -11.33 13.51 2.33
N GLY B 170 -11.58 12.24 2.65
CA GLY B 170 -12.69 11.53 2.09
C GLY B 170 -14.00 11.96 2.72
N VAL B 171 -15.10 11.40 2.21
CA VAL B 171 -16.42 11.78 2.69
C VAL B 171 -16.59 11.40 4.16
N GLY B 172 -15.92 10.33 4.61
CA GLY B 172 -16.00 9.96 6.01
C GLY B 172 -15.31 10.96 6.93
N TYR B 173 -14.15 11.48 6.51
CA TYR B 173 -13.34 12.35 7.34
C TYR B 173 -13.53 13.83 7.00
N GLN B 174 -14.70 14.20 6.49
CA GLN B 174 -14.98 15.60 6.19
C GLN B 174 -16.00 16.17 7.17
N PRO B 175 -15.93 17.47 7.45
CA PRO B 175 -16.86 18.06 8.42
C PRO B 175 -18.30 17.94 7.96
N TYR B 176 -19.19 17.67 8.91
CA TYR B 176 -20.62 17.52 8.65
C TYR B 176 -21.39 18.32 9.70
N ARG B 177 -21.93 19.45 9.30
CA ARG B 177 -22.77 20.23 10.20
C ARG B 177 -24.11 19.53 10.38
N VAL B 178 -24.49 19.30 11.64
CA VAL B 178 -25.70 18.54 11.97
C VAL B 178 -26.55 19.39 12.90
N VAL B 179 -27.84 19.49 12.60
CA VAL B 179 -28.81 20.18 13.44
C VAL B 179 -29.88 19.18 13.82
N VAL B 180 -30.13 19.03 15.12
CA VAL B 180 -31.10 18.09 15.65
C VAL B 180 -32.28 18.87 16.21
N LEU B 181 -33.48 18.56 15.74
CA LEU B 181 -34.69 19.23 16.18
C LEU B 181 -35.46 18.31 17.12
N SER B 182 -35.81 18.84 18.29
CA SER B 182 -36.50 18.06 19.32
C SER B 182 -37.91 18.61 19.51
N PHE B 183 -38.81 17.72 19.93
CA PHE B 183 -40.22 18.05 20.11
C PHE B 183 -40.58 17.93 21.58
N GLU B 184 -41.01 19.04 22.16
CA GLU B 184 -41.40 19.09 23.58
C GLU B 184 -42.91 18.95 23.69
N LEU B 185 -43.35 18.07 24.59
CA LEU B 185 -44.77 17.81 24.81
C LEU B 185 -45.07 17.87 26.30
N LEU B 186 -45.88 18.83 26.70
CA LEU B 186 -46.34 18.97 28.08
C LEU B 186 -47.48 19.98 28.09
N HIS B 187 -48.04 20.21 29.28
CA HIS B 187 -49.16 21.12 29.44
C HIS B 187 -48.64 22.55 29.45
N ALA B 188 -48.91 23.30 28.38
CA ALA B 188 -48.40 24.64 28.22
C ALA B 188 -49.26 25.36 27.19
N PRO B 189 -49.15 26.69 27.08
CA PRO B 189 -49.90 27.40 26.04
C PRO B 189 -49.54 27.00 24.62
N ALA B 190 -48.37 26.37 24.41
CA ALA B 190 -47.94 25.87 23.10
C ALA B 190 -47.90 27.01 22.07
N THR B 191 -47.00 27.96 22.33
CA THR B 191 -46.88 29.15 21.49
C THR B 191 -46.53 28.79 20.06
N VAL B 192 -45.80 27.70 19.84
CA VAL B 192 -45.37 27.31 18.50
C VAL B 192 -46.29 26.17 18.06
N CYS B 193 -47.27 26.48 17.22
CA CYS B 193 -48.18 25.50 16.65
C CYS B 193 -48.09 25.54 15.13
N GLY B 194 -48.15 24.35 14.52
CA GLY B 194 -48.11 24.23 13.08
C GLY B 194 -49.33 24.82 12.41
N PRO B 195 -49.15 25.37 11.20
CA PRO B 195 -50.24 25.96 10.42
C PRO B 195 -51.33 24.95 10.07
#